data_1FD5
# 
_entry.id   1FD5 
# 
_audit_conform.dict_name       mmcif_pdbx.dic 
_audit_conform.dict_version    5.387 
_audit_conform.dict_location   http://mmcif.pdb.org/dictionaries/ascii/mmcif_pdbx.dic 
# 
loop_
_database_2.database_id 
_database_2.database_code 
_database_2.pdbx_database_accession 
_database_2.pdbx_DOI 
PDB   1FD5         pdb_00001fd5 10.2210/pdb1fd5/pdb 
NDB   DD0028       ?            ?                   
RCSB  RCSB011493   ?            ?                   
WWPDB D_1000011493 ?            ?                   
# 
loop_
_pdbx_audit_revision_history.ordinal 
_pdbx_audit_revision_history.data_content_type 
_pdbx_audit_revision_history.major_revision 
_pdbx_audit_revision_history.minor_revision 
_pdbx_audit_revision_history.revision_date 
1 'Structure model' 1 0 2000-08-07 
2 'Structure model' 1 1 2008-04-27 
3 'Structure model' 1 2 2011-07-13 
4 'Structure model' 1 3 2019-07-24 
5 'Structure model' 1 4 2024-02-07 
6 'Structure model' 1 5 2024-03-13 
# 
_pdbx_audit_revision_details.ordinal             1 
_pdbx_audit_revision_details.revision_ordinal    1 
_pdbx_audit_revision_details.data_content_type   'Structure model' 
_pdbx_audit_revision_details.provider            repository 
_pdbx_audit_revision_details.type                'Initial release' 
_pdbx_audit_revision_details.description         ? 
_pdbx_audit_revision_details.details             ? 
# 
loop_
_pdbx_audit_revision_group.ordinal 
_pdbx_audit_revision_group.revision_ordinal 
_pdbx_audit_revision_group.data_content_type 
_pdbx_audit_revision_group.group 
1 2 'Structure model' 'Version format compliance' 
2 3 'Structure model' 'Version format compliance' 
3 4 'Structure model' 'Data collection'           
4 4 'Structure model' 'Refinement description'    
5 5 'Structure model' 'Data collection'           
6 5 'Structure model' 'Database references'       
7 5 'Structure model' 'Derived calculations'      
8 6 'Structure model' 'Source and taxonomy'       
9 6 'Structure model' 'Structure summary'         
# 
loop_
_pdbx_audit_revision_category.ordinal 
_pdbx_audit_revision_category.revision_ordinal 
_pdbx_audit_revision_category.data_content_type 
_pdbx_audit_revision_category.category 
1 4 'Structure model' software               
2 5 'Structure model' chem_comp_atom         
3 5 'Structure model' chem_comp_bond         
4 5 'Structure model' database_2             
5 5 'Structure model' pdbx_struct_conn_angle 
6 5 'Structure model' struct_conn            
7 5 'Structure model' struct_site            
8 6 'Structure model' entity                 
9 6 'Structure model' pdbx_entity_src_syn    
# 
loop_
_pdbx_audit_revision_item.ordinal 
_pdbx_audit_revision_item.revision_ordinal 
_pdbx_audit_revision_item.data_content_type 
_pdbx_audit_revision_item.item 
1  4 'Structure model' '_software.name'                              
2  5 'Structure model' '_database_2.pdbx_DOI'                        
3  5 'Structure model' '_database_2.pdbx_database_accession'         
4  5 'Structure model' '_pdbx_struct_conn_angle.ptnr1_auth_asym_id'  
5  5 'Structure model' '_pdbx_struct_conn_angle.ptnr1_auth_comp_id'  
6  5 'Structure model' '_pdbx_struct_conn_angle.ptnr1_auth_seq_id'   
7  5 'Structure model' '_pdbx_struct_conn_angle.ptnr1_label_asym_id' 
8  5 'Structure model' '_pdbx_struct_conn_angle.ptnr1_label_atom_id' 
9  5 'Structure model' '_pdbx_struct_conn_angle.ptnr1_label_comp_id' 
10 5 'Structure model' '_pdbx_struct_conn_angle.ptnr1_label_seq_id'  
11 5 'Structure model' '_pdbx_struct_conn_angle.ptnr1_symmetry'      
12 5 'Structure model' '_pdbx_struct_conn_angle.ptnr2_auth_asym_id'  
13 5 'Structure model' '_pdbx_struct_conn_angle.ptnr2_auth_seq_id'   
14 5 'Structure model' '_pdbx_struct_conn_angle.ptnr2_label_asym_id' 
15 5 'Structure model' '_pdbx_struct_conn_angle.ptnr3_auth_asym_id'  
16 5 'Structure model' '_pdbx_struct_conn_angle.ptnr3_auth_comp_id'  
17 5 'Structure model' '_pdbx_struct_conn_angle.ptnr3_auth_seq_id'   
18 5 'Structure model' '_pdbx_struct_conn_angle.ptnr3_label_asym_id' 
19 5 'Structure model' '_pdbx_struct_conn_angle.ptnr3_label_atom_id' 
20 5 'Structure model' '_pdbx_struct_conn_angle.ptnr3_label_comp_id' 
21 5 'Structure model' '_pdbx_struct_conn_angle.ptnr3_label_seq_id'  
22 5 'Structure model' '_pdbx_struct_conn_angle.ptnr3_symmetry'      
23 5 'Structure model' '_pdbx_struct_conn_angle.value'               
24 5 'Structure model' '_struct_conn.pdbx_dist_value'                
25 5 'Structure model' '_struct_conn.ptnr1_auth_asym_id'             
26 5 'Structure model' '_struct_conn.ptnr1_auth_comp_id'             
27 5 'Structure model' '_struct_conn.ptnr1_auth_seq_id'              
28 5 'Structure model' '_struct_conn.ptnr1_label_asym_id'            
29 5 'Structure model' '_struct_conn.ptnr1_label_atom_id'            
30 5 'Structure model' '_struct_conn.ptnr1_label_comp_id'            
31 5 'Structure model' '_struct_conn.ptnr1_label_seq_id'             
32 5 'Structure model' '_struct_conn.ptnr1_symmetry'                 
33 5 'Structure model' '_struct_conn.ptnr2_auth_asym_id'             
34 5 'Structure model' '_struct_conn.ptnr2_auth_comp_id'             
35 5 'Structure model' '_struct_conn.ptnr2_auth_seq_id'              
36 5 'Structure model' '_struct_conn.ptnr2_label_asym_id'            
37 5 'Structure model' '_struct_conn.ptnr2_label_atom_id'            
38 5 'Structure model' '_struct_conn.ptnr2_label_comp_id'            
39 5 'Structure model' '_struct_conn.ptnr2_label_seq_id'             
40 5 'Structure model' '_struct_conn.ptnr2_symmetry'                 
41 5 'Structure model' '_struct_site.pdbx_auth_asym_id'              
42 5 'Structure model' '_struct_site.pdbx_auth_comp_id'              
43 5 'Structure model' '_struct_site.pdbx_auth_seq_id'               
44 6 'Structure model' '_entity.details'                             
# 
_pdbx_database_status.status_code                     REL 
_pdbx_database_status.entry_id                        1FD5 
_pdbx_database_status.recvd_initial_deposition_date   2000-07-19 
_pdbx_database_status.deposit_site                    RCSB 
_pdbx_database_status.process_site                    RCSB 
_pdbx_database_status.status_code_sf                  REL 
_pdbx_database_status.SG_entry                        . 
_pdbx_database_status.pdb_format_compatible           Y 
_pdbx_database_status.status_code_mr                  ? 
_pdbx_database_status.status_code_cs                  ? 
_pdbx_database_status.methods_development_category    ? 
_pdbx_database_status.status_code_nmr_data            ? 
# 
loop_
_audit_author.name 
_audit_author.pdbx_ordinal 
'Yang, X.-L.'   1 
'Robinson, H.'  2 
'Gao, Y.-G.'    3 
'Wang, A.H.-J.' 4 
# 
_citation.id                        primary 
_citation.title                     
'Binding of a macrocyclic bisacridine and ametantrone to CGTACG involves similar unusual intercalation platforms.' 
_citation.journal_abbrev            Biochemistry 
_citation.journal_volume            39 
_citation.page_first                10950 
_citation.page_last                 10957 
_citation.year                      2000 
_citation.journal_id_ASTM           BICHAW 
_citation.country                   US 
_citation.journal_id_ISSN           0006-2960 
_citation.journal_id_CSD            0033 
_citation.book_publisher            ? 
_citation.pdbx_database_id_PubMed   10998231 
_citation.pdbx_database_id_DOI      10.1021/bi001319z 
# 
loop_
_citation_author.citation_id 
_citation_author.name 
_citation_author.ordinal 
_citation_author.identifier_ORCID 
primary 'Yang, X.L.'   1 ? 
primary 'Robinson, H.' 2 ? 
primary 'Gao, Y.G.'    3 ? 
primary 'Wang, A.H.'   4 ? 
# 
loop_
_entity.id 
_entity.type 
_entity.src_method 
_entity.pdbx_description 
_entity.formula_weight 
_entity.pdbx_number_of_molecules 
_entity.pdbx_ec 
_entity.pdbx_mutation 
_entity.pdbx_fragment 
_entity.details 
1 polymer     syn 
;DNA (5'-D(*CP*GP*TP*AP*CP*G)-3')
;
1809.217 2  ? ? ? ?                    
2 non-polymer syn 'COBALT (II) ION'                  58.933   2  ? ? ? 'synthetic compound' 
3 non-polymer syn MACROCYCLIC-BIS-9-AMINO-ACRIDINE   819.135  1  ? ? ? ?                    
4 non-polymer syn 'MAGNESIUM ION'                    24.305   1  ? ? ? ?                    
5 water       nat water                              18.015   74 ? ? ? ?                    
# 
_entity_poly.entity_id                      1 
_entity_poly.type                           polydeoxyribonucleotide 
_entity_poly.nstd_linkage                   no 
_entity_poly.nstd_monomer                   no 
_entity_poly.pdbx_seq_one_letter_code       '(DC)(DG)(DT)(DA)(DC)(DG)' 
_entity_poly.pdbx_seq_one_letter_code_can   CGTACG 
_entity_poly.pdbx_strand_id                 A,B 
_entity_poly.pdbx_target_identifier         ? 
# 
loop_
_pdbx_entity_nonpoly.entity_id 
_pdbx_entity_nonpoly.name 
_pdbx_entity_nonpoly.comp_id 
2 'COBALT (II) ION'                CO  
3 MACROCYCLIC-BIS-9-AMINO-ACRIDINE B9A 
4 'MAGNESIUM ION'                  MG  
5 water                            HOH 
# 
loop_
_entity_poly_seq.entity_id 
_entity_poly_seq.num 
_entity_poly_seq.mon_id 
_entity_poly_seq.hetero 
1 1 DC n 
1 2 DG n 
1 3 DT n 
1 4 DA n 
1 5 DC n 
1 6 DG n 
# 
_pdbx_entity_src_syn.entity_id              1 
_pdbx_entity_src_syn.pdbx_src_id            1 
_pdbx_entity_src_syn.pdbx_alt_source_flag   sample 
_pdbx_entity_src_syn.pdbx_beg_seq_num       ? 
_pdbx_entity_src_syn.pdbx_end_seq_num       ? 
_pdbx_entity_src_syn.organism_scientific    ? 
_pdbx_entity_src_syn.organism_common_name   ? 
_pdbx_entity_src_syn.ncbi_taxonomy_id       ? 
_pdbx_entity_src_syn.details                'synthetic DNA moleclue' 
# 
loop_
_chem_comp.id 
_chem_comp.type 
_chem_comp.mon_nstd_flag 
_chem_comp.name 
_chem_comp.pdbx_synonyms 
_chem_comp.formula 
_chem_comp.formula_weight 
B9A non-polymer   . MACROCYCLIC-BIS-9-AMINO-ACRIDINE     ? 'C46 H58 N8 O2 S2' 819.135 
CO  non-polymer   . 'COBALT (II) ION'                    ? 'Co 2'             58.933  
DA  'DNA linking' y "2'-DEOXYADENOSINE-5'-MONOPHOSPHATE" ? 'C10 H14 N5 O6 P'  331.222 
DC  'DNA linking' y "2'-DEOXYCYTIDINE-5'-MONOPHOSPHATE"  ? 'C9 H14 N3 O7 P'   307.197 
DG  'DNA linking' y "2'-DEOXYGUANOSINE-5'-MONOPHOSPHATE" ? 'C10 H14 N5 O7 P'  347.221 
DT  'DNA linking' y "THYMIDINE-5'-MONOPHOSPHATE"         ? 'C10 H15 N2 O8 P'  322.208 
HOH non-polymer   . WATER                                ? 'H2 O'             18.015  
MG  non-polymer   . 'MAGNESIUM ION'                      ? 'Mg 2'             24.305  
# 
loop_
_pdbx_poly_seq_scheme.asym_id 
_pdbx_poly_seq_scheme.entity_id 
_pdbx_poly_seq_scheme.seq_id 
_pdbx_poly_seq_scheme.mon_id 
_pdbx_poly_seq_scheme.ndb_seq_num 
_pdbx_poly_seq_scheme.pdb_seq_num 
_pdbx_poly_seq_scheme.auth_seq_num 
_pdbx_poly_seq_scheme.pdb_mon_id 
_pdbx_poly_seq_scheme.auth_mon_id 
_pdbx_poly_seq_scheme.pdb_strand_id 
_pdbx_poly_seq_scheme.pdb_ins_code 
_pdbx_poly_seq_scheme.hetero 
A 1 1 DC 1 1  1  DC C A . n 
A 1 2 DG 2 2  2  DG G A . n 
A 1 3 DT 3 3  3  DT T A . n 
A 1 4 DA 4 4  4  DA A A . n 
A 1 5 DC 5 5  5  DC C A . n 
A 1 6 DG 6 6  6  DG G A . n 
B 1 1 DC 1 7  7  DC C B . n 
B 1 2 DG 2 8  8  DG G B . n 
B 1 3 DT 3 9  9  DT T B . n 
B 1 4 DA 4 10 10 DA A B . n 
B 1 5 DC 5 11 11 DC C B . n 
B 1 6 DG 6 12 12 DG G B . n 
# 
loop_
_pdbx_nonpoly_scheme.asym_id 
_pdbx_nonpoly_scheme.entity_id 
_pdbx_nonpoly_scheme.mon_id 
_pdbx_nonpoly_scheme.ndb_seq_num 
_pdbx_nonpoly_scheme.pdb_seq_num 
_pdbx_nonpoly_scheme.auth_seq_num 
_pdbx_nonpoly_scheme.pdb_mon_id 
_pdbx_nonpoly_scheme.auth_mon_id 
_pdbx_nonpoly_scheme.pdb_strand_id 
_pdbx_nonpoly_scheme.pdb_ins_code 
C 2 CO  1  21  21  CO  CO5 A . 
D 3 B9A 1  13  13  B9A TMR A . 
E 2 CO  1  22  22  CO  COS B . 
F 4 MG  1  23  23  MG  MG2 B . 
G 5 HOH 1  103 103 HOH HOH A . 
G 5 HOH 2  105 105 HOH HOH A . 
G 5 HOH 3  106 106 HOH HOH A . 
G 5 HOH 4  108 108 HOH HOH A . 
G 5 HOH 5  109 109 HOH HOH A . 
G 5 HOH 6  110 110 HOH HOH A . 
G 5 HOH 7  118 118 HOH HOH A . 
G 5 HOH 8  119 119 HOH HOH A . 
G 5 HOH 9  122 122 HOH HOH A . 
G 5 HOH 10 124 124 HOH HOH A . 
G 5 HOH 11 126 126 HOH HOH A . 
G 5 HOH 12 127 127 HOH HOH A . 
G 5 HOH 13 128 128 HOH HOH A . 
G 5 HOH 14 130 130 HOH HOH A . 
G 5 HOH 15 132 132 HOH HOH A . 
G 5 HOH 16 134 134 HOH HOH A . 
G 5 HOH 17 135 135 HOH HOH A . 
G 5 HOH 18 136 136 HOH HOH A . 
G 5 HOH 19 138 138 HOH HOH A . 
G 5 HOH 20 141 141 HOH HOH A . 
G 5 HOH 21 143 143 HOH HOH A . 
G 5 HOH 22 144 144 HOH HOH A . 
G 5 HOH 23 145 145 HOH HOH A . 
G 5 HOH 24 146 146 HOH HOH A . 
G 5 HOH 25 152 152 HOH HOH A . 
G 5 HOH 26 153 153 HOH HOH A . 
G 5 HOH 27 155 155 HOH HOH A . 
G 5 HOH 28 157 157 HOH HOH A . 
G 5 HOH 29 160 160 HOH HOH A . 
G 5 HOH 30 161 161 HOH HOH A . 
G 5 HOH 31 162 162 HOH HOH A . 
G 5 HOH 32 165 165 HOH HOH A . 
G 5 HOH 33 169 169 HOH HOH A . 
G 5 HOH 34 174 21  HOH CO5 A . 
G 5 HOH 35 175 21  HOH CO5 A . 
G 5 HOH 36 176 21  HOH CO5 A . 
G 5 HOH 37 177 21  HOH CO5 A . 
G 5 HOH 38 178 21  HOH CO5 A . 
H 5 HOH 1  101 101 HOH HOH B . 
H 5 HOH 2  102 102 HOH HOH B . 
H 5 HOH 3  104 104 HOH HOH B . 
H 5 HOH 4  107 107 HOH HOH B . 
H 5 HOH 5  111 111 HOH HOH B . 
H 5 HOH 6  112 112 HOH HOH B . 
H 5 HOH 7  113 113 HOH HOH B . 
H 5 HOH 8  114 114 HOH HOH B . 
H 5 HOH 9  115 115 HOH HOH B . 
H 5 HOH 10 116 116 HOH HOH B . 
H 5 HOH 11 117 117 HOH HOH B . 
H 5 HOH 12 120 120 HOH HOH B . 
H 5 HOH 13 123 123 HOH HOH B . 
H 5 HOH 14 125 125 HOH HOH B . 
H 5 HOH 15 129 129 HOH HOH B . 
H 5 HOH 16 131 131 HOH HOH B . 
H 5 HOH 17 133 133 HOH HOH B . 
H 5 HOH 18 137 137 HOH HOH B . 
H 5 HOH 19 139 139 HOH HOH B . 
H 5 HOH 20 140 140 HOH HOH B . 
H 5 HOH 21 142 142 HOH HOH B . 
H 5 HOH 22 147 147 HOH HOH B . 
H 5 HOH 23 148 148 HOH HOH B . 
H 5 HOH 24 149 149 HOH HOH B . 
H 5 HOH 25 150 150 HOH HOH B . 
H 5 HOH 26 151 151 HOH HOH B . 
H 5 HOH 27 154 154 HOH HOH B . 
H 5 HOH 28 156 156 HOH HOH B . 
H 5 HOH 29 158 158 HOH HOH B . 
H 5 HOH 30 163 163 HOH HOH B . 
H 5 HOH 31 164 164 HOH HOH B . 
H 5 HOH 32 166 166 HOH HOH B . 
H 5 HOH 33 170 22  HOH COS B . 
H 5 HOH 34 171 22  HOH COS B . 
H 5 HOH 35 172 23  HOH MG2 B . 
H 5 HOH 36 173 23  HOH MG2 B . 
# 
loop_
_pdbx_unobs_or_zero_occ_atoms.id 
_pdbx_unobs_or_zero_occ_atoms.PDB_model_num 
_pdbx_unobs_or_zero_occ_atoms.polymer_flag 
_pdbx_unobs_or_zero_occ_atoms.occupancy_flag 
_pdbx_unobs_or_zero_occ_atoms.auth_asym_id 
_pdbx_unobs_or_zero_occ_atoms.auth_comp_id 
_pdbx_unobs_or_zero_occ_atoms.auth_seq_id 
_pdbx_unobs_or_zero_occ_atoms.PDB_ins_code 
_pdbx_unobs_or_zero_occ_atoms.auth_atom_id 
_pdbx_unobs_or_zero_occ_atoms.label_alt_id 
_pdbx_unobs_or_zero_occ_atoms.label_asym_id 
_pdbx_unobs_or_zero_occ_atoms.label_comp_id 
_pdbx_unobs_or_zero_occ_atoms.label_seq_id 
_pdbx_unobs_or_zero_occ_atoms.label_atom_id 
1  1 Y 1 A DC  1  ? "O5'" ? A DC  1 "O5'" 
2  1 Y 1 A DC  1  ? "C5'" ? A DC  1 "C5'" 
3  1 Y 1 A DC  1  ? "C4'" ? A DC  1 "C4'" 
4  1 Y 1 A DC  1  ? "O4'" ? A DC  1 "O4'" 
5  1 Y 1 A DC  1  ? "C3'" ? A DC  1 "C3'" 
6  1 Y 1 A DC  1  ? "C2'" ? A DC  1 "C2'" 
7  1 Y 1 A DC  1  ? "C1'" ? A DC  1 "C1'" 
8  1 Y 1 A DC  1  ? N1    ? A DC  1 N1    
9  1 Y 1 A DC  1  ? C2    ? A DC  1 C2    
10 1 Y 1 A DC  1  ? O2    ? A DC  1 O2    
11 1 Y 1 A DC  1  ? N3    ? A DC  1 N3    
12 1 Y 1 A DC  1  ? C4    ? A DC  1 C4    
13 1 Y 1 A DC  1  ? N4    ? A DC  1 N4    
14 1 Y 1 A DC  1  ? C5    ? A DC  1 C5    
15 1 Y 1 A DC  1  ? C6    ? A DC  1 C6    
16 1 N 1 A B9A 13 ? C16   ? D B9A 1 C16   
17 1 N 1 A B9A 13 ? C17   ? D B9A 1 C17   
18 1 N 1 A B9A 13 ? N18   ? D B9A 1 N18   
19 1 N 1 A B9A 13 ? C19   ? D B9A 1 C19   
20 1 N 1 A B9A 13 ? C20   ? D B9A 1 C20   
21 1 N 1 A B9A 13 ? C21   ? D B9A 1 C21   
22 1 N 1 A B9A 13 ? C22   ? D B9A 1 C22   
23 1 N 1 A B9A 13 ? N23   ? D B9A 1 N23   
24 1 N 1 A B9A 13 ? C24   ? D B9A 1 C24   
25 1 N 1 A B9A 13 ? C25   ? D B9A 1 C25   
26 1 N 1 A B9A 13 ? C26   ? D B9A 1 C26   
27 1 N 1 A B9A 13 ? C28   ? D B9A 1 C28   
28 1 N 1 A B9A 13 ? S29   ? D B9A 1 S29   
29 1 N 1 A B9A 13 ? C30   ? D B9A 1 C30   
30 1 N 1 A B9A 13 ? C31   ? D B9A 1 C31   
31 1 N 1 A B9A 13 ? N32   ? D B9A 1 N32   
32 1 N 1 A B9A 13 ? C33   ? D B9A 1 C33   
33 1 N 1 A B9A 13 ? O34   ? D B9A 1 O34   
34 1 N 1 A B9A 13 ? C35   ? D B9A 1 C35   
35 1 N 1 A B9A 13 ? C36   ? D B9A 1 C36   
36 1 N 1 A B9A 13 ? C37   ? D B9A 1 C37   
37 1 N 1 A B9A 13 ? O38   ? D B9A 1 O38   
38 1 N 1 A B9A 13 ? N39   ? D B9A 1 N39   
39 1 N 1 A B9A 13 ? C40   ? D B9A 1 C40   
40 1 N 1 A B9A 13 ? C41   ? D B9A 1 C41   
41 1 N 1 A B9A 13 ? S42   ? D B9A 1 S42   
42 1 N 1 A B9A 13 ? C43   ? D B9A 1 C43   
43 1 N 1 A B9A 13 ? C1B   ? D B9A 1 C1B   
44 1 N 1 A B9A 13 ? C2B   ? D B9A 1 C2B   
45 1 N 1 A B9A 13 ? C3B   ? D B9A 1 C3B   
46 1 N 1 A B9A 13 ? C4B   ? D B9A 1 C4B   
47 1 N 1 A B9A 13 ? C5B   ? D B9A 1 C5B   
48 1 N 1 A B9A 13 ? C6B   ? D B9A 1 C6B   
49 1 N 1 A B9A 13 ? C7B   ? D B9A 1 C7B   
50 1 N 1 A B9A 13 ? C8B   ? D B9A 1 C8B   
51 1 N 1 A B9A 13 ? C9B   ? D B9A 1 C9B   
52 1 N 1 A B9A 13 ? NAB   ? D B9A 1 NAB   
53 1 N 1 A B9A 13 ? CBB   ? D B9A 1 CBB   
54 1 N 1 A B9A 13 ? CCB   ? D B9A 1 CCB   
55 1 N 1 A B9A 13 ? CDB   ? D B9A 1 CDB   
56 1 N 1 A B9A 13 ? CEB   ? D B9A 1 CEB   
57 1 N 1 A B9A 13 ? N9B   ? D B9A 1 N9B   
# 
loop_
_software.name 
_software.classification 
_software.version 
_software.citation_id 
_software.pdbx_ordinal 
SHELXL-97 refinement       . ? 1 
CNS       refinement       . ? 2 
d*TREK    'data reduction' . ? 3 
HKL-2000  'data scaling'   . ? 4 
CNS       phasing          . ? 5 
# 
_cell.entry_id           1FD5 
_cell.length_a           29.584 
_cell.length_b           54.038 
_cell.length_c           40.215 
_cell.angle_alpha        90.00 
_cell.angle_beta         90.00 
_cell.angle_gamma        90.00 
_cell.Z_PDB              16 
_cell.pdbx_unique_axis   ? 
# 
_symmetry.entry_id                         1FD5 
_symmetry.space_group_name_H-M             'C 2 2 2' 
_symmetry.pdbx_full_space_group_name_H-M   ? 
_symmetry.cell_setting                     ? 
_symmetry.Int_Tables_number                21 
# 
_exptl.entry_id          1FD5 
_exptl.method            'X-RAY DIFFRACTION' 
_exptl.crystals_number   2 
# 
_exptl_crystal.id                    1 
_exptl_crystal.density_meas          ? 
_exptl_crystal.density_percent_sol   42.17 
_exptl_crystal.density_Matthews      2.13 
_exptl_crystal.description           ? 
# 
_exptl_crystal_grow.crystal_id      1 
_exptl_crystal_grow.method          'VAPOR DIFFUSION, SITTING DROP' 
_exptl_crystal_grow.pH              6.0 
_exptl_crystal_grow.temp            298 
_exptl_crystal_grow.temp_details    ? 
_exptl_crystal_grow.pdbx_details    
;MPD, sodium cacodylate buffer, magnesium chloride, cobalt chloride, spermine, pH 6.0, VAPOR DIFFUSION, SITTING DROP, temperature 298K
;
_exptl_crystal_grow.pdbx_pH_range   ? 
# 
loop_
_diffrn.id 
_diffrn.ambient_temp 
_diffrn.ambient_temp_details 
_diffrn.crystal_id 
1 110 ? 1 
2 110 ? 1 
# 
loop_
_diffrn_detector.diffrn_id 
_diffrn_detector.detector 
_diffrn_detector.type 
_diffrn_detector.pdbx_collection_date 
_diffrn_detector.details 
1 CCD CUSTOM-MADE 1999-08-28 ? 
2 CCD CUSTOM-MADE 2000-02-05 ? 
# 
_diffrn_radiation.diffrn_id                        1 
_diffrn_radiation.wavelength_id                    1 
_diffrn_radiation.monochromator                    ? 
_diffrn_radiation.pdbx_monochromatic_or_laue_m_l   M 
_diffrn_radiation.pdbx_diffrn_protocol             MAD 
_diffrn_radiation.pdbx_scattering_type             x-ray 
# 
loop_
_diffrn_radiation_wavelength.id 
_diffrn_radiation_wavelength.wavelength 
_diffrn_radiation_wavelength.wt 
1 0.7251 1.0 
2 0.9199 1.0 
3 0.9200 1.0 
4 0.8856 1.0 
# 
loop_
_diffrn_source.diffrn_id 
_diffrn_source.source 
_diffrn_source.type 
_diffrn_source.pdbx_wavelength 
_diffrn_source.pdbx_synchrotron_site 
_diffrn_source.pdbx_synchrotron_beamline 
_diffrn_source.pdbx_wavelength_list 
1 SYNCHROTRON 'APS BEAMLINE 19-ID' ? APS 19-ID '0.7251, 0.9199, 0.9200,0.8856' 
2 SYNCHROTRON 'APS BEAMLINE 19-ID' ? APS 19-ID ?                               
# 
_reflns.entry_id                     1FD5 
_reflns.observed_criterion_sigma_I   0 
_reflns.observed_criterion_sigma_F   0 
_reflns.d_resolution_low             100 
_reflns.d_resolution_high            1.1 
_reflns.number_obs                   196823 
_reflns.number_all                   196823 
_reflns.percent_possible_obs         99.9 
_reflns.pdbx_Rmerge_I_obs            0.0570000 
_reflns.pdbx_Rsym_value              ? 
_reflns.pdbx_netI_over_sigmaI        40.5 
_reflns.B_iso_Wilson_estimate        23.0 
_reflns.pdbx_redundancy              9.4 
_reflns.R_free_details               ? 
_reflns.pdbx_diffrn_id               1 
_reflns.pdbx_ordinal                 1 
# 
_reflns_shell.d_res_high             1.10 
_reflns_shell.d_res_low              1.14 
_reflns_shell.percent_possible_obs   ? 
_reflns_shell.percent_possible_all   100 
_reflns_shell.Rmerge_I_obs           0.5970000 
_reflns_shell.meanI_over_sigI_obs    ? 
_reflns_shell.pdbx_Rsym_value        ? 
_reflns_shell.pdbx_redundancy        7.2 
_reflns_shell.number_unique_all      1293 
_reflns_shell.pdbx_diffrn_id         ? 
_reflns_shell.pdbx_ordinal           1 
# 
_refine.entry_id                                 1FD5 
_refine.ls_number_reflns_obs                     10911 
_refine.ls_number_reflns_all                     12702 
_refine.pdbx_ls_sigma_I                          2 
_refine.pdbx_ls_sigma_F                          4 
_refine.pdbx_data_cutoff_high_absF               ? 
_refine.pdbx_data_cutoff_low_absF                ? 
_refine.ls_d_res_low                             10 
_refine.ls_d_res_high                            1.1 
_refine.ls_percent_reflns_obs                    ? 
_refine.ls_R_factor_obs                          0.1680000 
_refine.ls_R_factor_all                          ? 
_refine.ls_R_factor_R_work                       0.1630000 
_refine.ls_R_factor_R_free                       0.2030000 
_refine.ls_R_factor_R_free_error                 ? 
_refine.ls_R_factor_R_free_error_details         ? 
_refine.ls_percent_reflns_R_free                 ? 
_refine.ls_number_reflns_R_free                  544 
_refine.ls_number_parameters                     ? 
_refine.ls_number_restraints                     ? 
_refine.occupancy_min                            ? 
_refine.occupancy_max                            ? 
_refine.B_iso_mean                               ? 
_refine.aniso_B[1][1]                            ? 
_refine.aniso_B[2][2]                            ? 
_refine.aniso_B[3][3]                            ? 
_refine.aniso_B[1][2]                            ? 
_refine.aniso_B[1][3]                            ? 
_refine.aniso_B[2][3]                            ? 
_refine.solvent_model_details                    ? 
_refine.solvent_model_param_ksol                 ? 
_refine.solvent_model_param_bsol                 ? 
_refine.pdbx_ls_cross_valid_method               ? 
_refine.details                                  ? 
_refine.pdbx_starting_model                      ? 
_refine.pdbx_method_to_determine_struct          ? 
_refine.pdbx_isotropic_thermal_model             ? 
_refine.pdbx_stereochemistry_target_values       'G.PARKINSON, J.VOJTECHOVSKY, L.CLOWNEY, A.T.BRUNGER, H.M.BERMAN' 
_refine.pdbx_stereochem_target_val_spec_case     ? 
_refine.pdbx_R_Free_selection_details            random 
_refine.pdbx_overall_ESU_R_Free                  ? 
_refine.overall_SU_B                             ? 
_refine.ls_redundancy_reflns_obs                 ? 
_refine.overall_SU_ML                            ? 
_refine.pdbx_overall_ESU_R                       ? 
_refine.pdbx_data_cutoff_high_rms_absF           ? 
_refine.correlation_coeff_Fo_to_Fc               ? 
_refine.correlation_coeff_Fo_to_Fc_free          ? 
_refine.overall_SU_R_Cruickshank_DPI             ? 
_refine.overall_SU_R_free                        ? 
_refine.pdbx_refine_id                           'X-RAY DIFFRACTION' 
_refine.pdbx_diffrn_id                           1 
_refine.pdbx_TLS_residual_ADP_flag               ? 
_refine.pdbx_solvent_vdw_probe_radii             ? 
_refine.pdbx_solvent_ion_probe_radii             ? 
_refine.pdbx_solvent_shrinkage_radii             ? 
_refine.pdbx_overall_phase_error                 ? 
_refine.pdbx_overall_SU_R_free_Cruickshank_DPI   ? 
_refine.pdbx_overall_SU_R_Blow_DPI               ? 
_refine.pdbx_overall_SU_R_free_Blow_DPI          ? 
# 
_refine_hist.pdbx_refine_id                   'X-RAY DIFFRACTION' 
_refine_hist.cycle_id                         LAST 
_refine_hist.pdbx_number_atoms_protein        0 
_refine_hist.pdbx_number_atoms_nucleic_acid   225 
_refine_hist.pdbx_number_atoms_ligand         28 
_refine_hist.number_atoms_solvent             65 
_refine_hist.number_atoms_total               318 
_refine_hist.d_res_high                       1.1 
_refine_hist.d_res_low                        10 
# 
loop_
_refine_ls_restr.type 
_refine_ls_restr.dev_ideal 
_refine_ls_restr.dev_ideal_target 
_refine_ls_restr.weight 
_refine_ls_restr.number 
_refine_ls_restr.pdbx_refine_id 
_refine_ls_restr.pdbx_restraint_function 
s_bond_d  0.014 ? ? ? 'X-RAY DIFFRACTION' ? 
s_angle_d 2.0   ? ? ? 'X-RAY DIFFRACTION' ? 
# 
_struct.entry_id                  1FD5 
_struct.title                     
;BINDING OF A MACROCYCLIC BISACRIDINE AND AMETANTRONE TO CGTACG INVOLVES SIMILAR UNUSUAL INTERCALATION PLATFORMS (BISACRIDINE COMPLEX)
;
_struct.pdbx_model_details        ? 
_struct.pdbx_CASP_flag            ? 
_struct.pdbx_model_type_details   ? 
# 
_struct_keywords.entry_id        1FD5 
_struct_keywords.pdbx_keywords   DNA 
_struct_keywords.text            
;High resolution crystal structure, intercalation platform, MAD, anticancer drug, drug-DNA complex, metal ions, tertiary base pairs, DNA
;
# 
loop_
_struct_asym.id 
_struct_asym.pdbx_blank_PDB_chainid_flag 
_struct_asym.pdbx_modified 
_struct_asym.entity_id 
_struct_asym.details 
A N N 1 ? 
B N N 1 ? 
C N N 2 ? 
D N N 3 ? 
E N N 2 ? 
F N N 4 ? 
G N N 5 ? 
H N N 5 ? 
# 
_struct_ref.id                         1 
_struct_ref.entity_id                  1 
_struct_ref.db_name                    PDB 
_struct_ref.db_code                    1FD5 
_struct_ref.pdbx_db_accession          1FD5 
_struct_ref.pdbx_db_isoform            ? 
_struct_ref.pdbx_seq_one_letter_code   ? 
_struct_ref.pdbx_align_begin           ? 
# 
loop_
_struct_ref_seq.align_id 
_struct_ref_seq.ref_id 
_struct_ref_seq.pdbx_PDB_id_code 
_struct_ref_seq.pdbx_strand_id 
_struct_ref_seq.seq_align_beg 
_struct_ref_seq.pdbx_seq_align_beg_ins_code 
_struct_ref_seq.seq_align_end 
_struct_ref_seq.pdbx_seq_align_end_ins_code 
_struct_ref_seq.pdbx_db_accession 
_struct_ref_seq.db_align_beg 
_struct_ref_seq.pdbx_db_align_beg_ins_code 
_struct_ref_seq.db_align_end 
_struct_ref_seq.pdbx_db_align_end_ins_code 
_struct_ref_seq.pdbx_auth_seq_align_beg 
_struct_ref_seq.pdbx_auth_seq_align_end 
1 1 1FD5 A 1 ? 6 ? 1FD5 1 ? 6  ? 1 6  
2 1 1FD5 B 1 ? 6 ? 1FD5 7 ? 12 ? 7 12 
# 
_pdbx_struct_assembly.id                   1 
_pdbx_struct_assembly.details              author_defined_assembly 
_pdbx_struct_assembly.method_details       ? 
_pdbx_struct_assembly.oligomeric_details   dimeric 
_pdbx_struct_assembly.oligomeric_count     2 
# 
_pdbx_struct_assembly_gen.assembly_id       1 
_pdbx_struct_assembly_gen.oper_expression   1 
_pdbx_struct_assembly_gen.asym_id_list      A,B,C,D,E,F,G,H 
# 
_pdbx_struct_oper_list.id                   1 
_pdbx_struct_oper_list.type                 'identity operation' 
_pdbx_struct_oper_list.name                 1_555 
_pdbx_struct_oper_list.symmetry_operation   x,y,z 
_pdbx_struct_oper_list.matrix[1][1]         1.0000000000 
_pdbx_struct_oper_list.matrix[1][2]         0.0000000000 
_pdbx_struct_oper_list.matrix[1][3]         0.0000000000 
_pdbx_struct_oper_list.vector[1]            0.0000000000 
_pdbx_struct_oper_list.matrix[2][1]         0.0000000000 
_pdbx_struct_oper_list.matrix[2][2]         1.0000000000 
_pdbx_struct_oper_list.matrix[2][3]         0.0000000000 
_pdbx_struct_oper_list.vector[2]            0.0000000000 
_pdbx_struct_oper_list.matrix[3][1]         0.0000000000 
_pdbx_struct_oper_list.matrix[3][2]         0.0000000000 
_pdbx_struct_oper_list.matrix[3][3]         1.0000000000 
_pdbx_struct_oper_list.vector[3]            0.0000000000 
# 
loop_
_struct_conn.id 
_struct_conn.conn_type_id 
_struct_conn.pdbx_leaving_atom_flag 
_struct_conn.pdbx_PDB_id 
_struct_conn.ptnr1_label_asym_id 
_struct_conn.ptnr1_label_comp_id 
_struct_conn.ptnr1_label_seq_id 
_struct_conn.ptnr1_label_atom_id 
_struct_conn.pdbx_ptnr1_label_alt_id 
_struct_conn.pdbx_ptnr1_PDB_ins_code 
_struct_conn.pdbx_ptnr1_standard_comp_id 
_struct_conn.ptnr1_symmetry 
_struct_conn.ptnr2_label_asym_id 
_struct_conn.ptnr2_label_comp_id 
_struct_conn.ptnr2_label_seq_id 
_struct_conn.ptnr2_label_atom_id 
_struct_conn.pdbx_ptnr2_label_alt_id 
_struct_conn.pdbx_ptnr2_PDB_ins_code 
_struct_conn.ptnr1_auth_asym_id 
_struct_conn.ptnr1_auth_comp_id 
_struct_conn.ptnr1_auth_seq_id 
_struct_conn.ptnr2_auth_asym_id 
_struct_conn.ptnr2_auth_comp_id 
_struct_conn.ptnr2_auth_seq_id 
_struct_conn.ptnr2_symmetry 
_struct_conn.pdbx_ptnr3_label_atom_id 
_struct_conn.pdbx_ptnr3_label_seq_id 
_struct_conn.pdbx_ptnr3_label_comp_id 
_struct_conn.pdbx_ptnr3_label_asym_id 
_struct_conn.pdbx_ptnr3_label_alt_id 
_struct_conn.pdbx_ptnr3_PDB_ins_code 
_struct_conn.details 
_struct_conn.pdbx_dist_value 
_struct_conn.pdbx_value_order 
_struct_conn.pdbx_role 
metalc1  metalc ? ? A DG 2 N7  ? ? ? 1_555 C CO  . CO ? ? A DG 2  A CO  21  1_555 ? ? ? ? ? ? ?            2.124 ? ? 
metalc2  metalc ? ? C CO . CO  ? ? ? 1_555 G HOH . O  ? ? A CO 21 A HOH 174 1_555 ? ? ? ? ? ? ?            1.997 ? ? 
metalc3  metalc ? ? C CO . CO  ? ? ? 1_555 G HOH . O  ? ? A CO 21 A HOH 175 1_555 ? ? ? ? ? ? ?            2.034 ? ? 
metalc4  metalc ? ? C CO . CO  ? ? ? 1_555 G HOH . O  ? ? A CO 21 A HOH 176 1_555 ? ? ? ? ? ? ?            1.995 ? ? 
metalc5  metalc ? ? C CO . CO  ? ? ? 1_555 G HOH . O  ? ? A CO 21 A HOH 177 1_555 ? ? ? ? ? ? ?            2.024 ? ? 
metalc6  metalc ? ? C CO . CO  ? ? ? 1_555 G HOH . O  ? ? A CO 21 A HOH 178 1_555 ? ? ? ? ? ? ?            2.005 ? ? 
metalc7  metalc ? ? B DG 2 OP2 ? ? ? 1_555 F MG  . MG ? ? B DG 8  B MG  23  1_555 ? ? ? ? ? ? ?            2.096 ? ? 
metalc8  metalc ? ? B DG 2 OP2 ? ? ? 4_556 F MG  . MG ? ? B DG 8  B MG  23  1_555 ? ? ? ? ? ? ?            2.096 ? ? 
metalc9  metalc ? ? B DG 6 N7  ? ? ? 1_555 E CO  . CO ? ? B DG 12 B CO  22  1_555 ? ? ? ? ? ? ?            2.173 ? ? 
metalc10 metalc ? ? B DG 6 N7  ? ? ? 3_755 E CO  . CO ? ? B DG 12 B CO  22  1_555 ? ? ? ? ? ? ?            2.173 ? ? 
metalc11 metalc ? ? E CO . CO  ? ? ? 1_555 H HOH . O  ? ? B CO 22 B HOH 170 1_555 ? ? ? ? ? ? ?            2.089 ? ? 
metalc12 metalc ? ? E CO . CO  ? ? ? 1_555 H HOH . O  ? ? B CO 22 B HOH 170 3_755 ? ? ? ? ? ? ?            2.089 ? ? 
metalc13 metalc ? ? E CO . CO  ? ? ? 1_555 H HOH . O  ? ? B CO 22 B HOH 171 1_555 ? ? ? ? ? ? ?            2.022 ? ? 
metalc14 metalc ? ? E CO . CO  ? ? ? 1_555 H HOH . O  ? ? B CO 22 B HOH 171 3_755 ? ? ? ? ? ? ?            2.022 ? ? 
metalc15 metalc ? ? F MG . MG  ? ? ? 1_555 H HOH . O  ? ? B MG 23 B HOH 172 1_555 ? ? ? ? ? ? ?            2.041 ? ? 
metalc16 metalc ? ? F MG . MG  ? ? ? 1_555 H HOH . O  ? ? B MG 23 B HOH 172 4_556 ? ? ? ? ? ? ?            2.041 ? ? 
metalc17 metalc ? ? F MG . MG  ? ? ? 1_555 H HOH . O  ? ? B MG 23 B HOH 172 3_656 ? ? ? ? ? ? ?            1.865 ? ? 
metalc18 metalc ? ? F MG . MG  ? ? ? 1_555 H HOH . O  ? ? B MG 23 B HOH 172 2_655 ? ? ? ? ? ? ?            1.865 ? ? 
metalc19 metalc ? ? F MG . MG  ? ? ? 1_555 H HOH . O  ? ? B MG 23 B HOH 173 1_555 ? ? ? ? ? ? ?            2.049 ? ? 
metalc20 metalc ? ? F MG . MG  ? ? ? 1_555 H HOH . O  ? ? B MG 23 B HOH 173 4_556 ? ? ? ? ? ? ?            2.050 ? ? 
hydrog1  hydrog ? ? A DG 2 N1  ? ? ? 1_555 B DC  5 N3 ? ? A DG 2  B DC  11  1_555 ? ? ? ? ? ? WATSON-CRICK ?     ? ? 
hydrog2  hydrog ? ? A DG 2 N2  ? ? ? 1_555 B DC  5 O2 ? ? A DG 2  B DC  11  1_555 ? ? ? ? ? ? WATSON-CRICK ?     ? ? 
hydrog3  hydrog ? ? A DG 2 O6  ? ? ? 1_555 B DC  5 N4 ? ? A DG 2  B DC  11  1_555 ? ? ? ? ? ? WATSON-CRICK ?     ? ? 
hydrog4  hydrog ? ? A DT 3 N3  ? ? ? 1_555 B DA  4 N1 ? ? A DT 3  B DA  10  1_555 ? ? ? ? ? ? WATSON-CRICK ?     ? ? 
hydrog5  hydrog ? ? A DT 3 O4  ? ? ? 1_555 B DA  4 N6 ? ? A DT 3  B DA  10  1_555 ? ? ? ? ? ? WATSON-CRICK ?     ? ? 
hydrog6  hydrog ? ? A DA 4 N1  ? ? ? 1_555 B DT  3 N3 ? ? A DA 4  B DT  9   1_555 ? ? ? ? ? ? WATSON-CRICK ?     ? ? 
hydrog7  hydrog ? ? A DA 4 N6  ? ? ? 1_555 B DT  3 O4 ? ? A DA 4  B DT  9   1_555 ? ? ? ? ? ? WATSON-CRICK ?     ? ? 
hydrog8  hydrog ? ? A DC 5 N3  ? ? ? 1_555 B DG  2 N1 ? ? A DC 5  B DG  8   1_555 ? ? ? ? ? ? WATSON-CRICK ?     ? ? 
hydrog9  hydrog ? ? A DC 5 N4  ? ? ? 1_555 B DG  2 O6 ? ? A DC 5  B DG  8   1_555 ? ? ? ? ? ? WATSON-CRICK ?     ? ? 
hydrog10 hydrog ? ? A DC 5 O2  ? ? ? 1_555 B DG  2 N2 ? ? A DC 5  B DG  8   1_555 ? ? ? ? ? ? WATSON-CRICK ?     ? ? 
# 
loop_
_struct_conn_type.id 
_struct_conn_type.criteria 
_struct_conn_type.reference 
metalc ? ? 
hydrog ? ? 
# 
loop_
_pdbx_struct_conn_angle.id 
_pdbx_struct_conn_angle.ptnr1_label_atom_id 
_pdbx_struct_conn_angle.ptnr1_label_alt_id 
_pdbx_struct_conn_angle.ptnr1_label_asym_id 
_pdbx_struct_conn_angle.ptnr1_label_comp_id 
_pdbx_struct_conn_angle.ptnr1_label_seq_id 
_pdbx_struct_conn_angle.ptnr1_auth_atom_id 
_pdbx_struct_conn_angle.ptnr1_auth_asym_id 
_pdbx_struct_conn_angle.ptnr1_auth_comp_id 
_pdbx_struct_conn_angle.ptnr1_auth_seq_id 
_pdbx_struct_conn_angle.ptnr1_PDB_ins_code 
_pdbx_struct_conn_angle.ptnr1_symmetry 
_pdbx_struct_conn_angle.ptnr2_label_atom_id 
_pdbx_struct_conn_angle.ptnr2_label_alt_id 
_pdbx_struct_conn_angle.ptnr2_label_asym_id 
_pdbx_struct_conn_angle.ptnr2_label_comp_id 
_pdbx_struct_conn_angle.ptnr2_label_seq_id 
_pdbx_struct_conn_angle.ptnr2_auth_atom_id 
_pdbx_struct_conn_angle.ptnr2_auth_asym_id 
_pdbx_struct_conn_angle.ptnr2_auth_comp_id 
_pdbx_struct_conn_angle.ptnr2_auth_seq_id 
_pdbx_struct_conn_angle.ptnr2_PDB_ins_code 
_pdbx_struct_conn_angle.ptnr2_symmetry 
_pdbx_struct_conn_angle.ptnr3_label_atom_id 
_pdbx_struct_conn_angle.ptnr3_label_alt_id 
_pdbx_struct_conn_angle.ptnr3_label_asym_id 
_pdbx_struct_conn_angle.ptnr3_label_comp_id 
_pdbx_struct_conn_angle.ptnr3_label_seq_id 
_pdbx_struct_conn_angle.ptnr3_auth_atom_id 
_pdbx_struct_conn_angle.ptnr3_auth_asym_id 
_pdbx_struct_conn_angle.ptnr3_auth_comp_id 
_pdbx_struct_conn_angle.ptnr3_auth_seq_id 
_pdbx_struct_conn_angle.ptnr3_PDB_ins_code 
_pdbx_struct_conn_angle.ptnr3_symmetry 
_pdbx_struct_conn_angle.value 
_pdbx_struct_conn_angle.value_esd 
1  N7  ? A DG  2 ? A DG  2   ? 1_555 CO ? C CO . ? A CO 21 ? 1_555 O   ? G HOH . ? A HOH 174 ? 1_555 95.6  ? 
2  N7  ? A DG  2 ? A DG  2   ? 1_555 CO ? C CO . ? A CO 21 ? 1_555 O   ? G HOH . ? A HOH 175 ? 1_555 89.9  ? 
3  O   ? G HOH . ? A HOH 174 ? 1_555 CO ? C CO . ? A CO 21 ? 1_555 O   ? G HOH . ? A HOH 175 ? 1_555 89.6  ? 
4  N7  ? A DG  2 ? A DG  2   ? 1_555 CO ? C CO . ? A CO 21 ? 1_555 O   ? G HOH . ? A HOH 176 ? 1_555 94.1  ? 
5  O   ? G HOH . ? A HOH 174 ? 1_555 CO ? C CO . ? A CO 21 ? 1_555 O   ? G HOH . ? A HOH 176 ? 1_555 89.0  ? 
6  O   ? G HOH . ? A HOH 175 ? 1_555 CO ? C CO . ? A CO 21 ? 1_555 O   ? G HOH . ? A HOH 176 ? 1_555 175.8 ? 
7  N7  ? A DG  2 ? A DG  2   ? 1_555 CO ? C CO . ? A CO 21 ? 1_555 O   ? G HOH . ? A HOH 177 ? 1_555 86.0  ? 
8  O   ? G HOH . ? A HOH 174 ? 1_555 CO ? C CO . ? A CO 21 ? 1_555 O   ? G HOH . ? A HOH 177 ? 1_555 178.1 ? 
9  O   ? G HOH . ? A HOH 175 ? 1_555 CO ? C CO . ? A CO 21 ? 1_555 O   ? G HOH . ? A HOH 177 ? 1_555 89.5  ? 
10 O   ? G HOH . ? A HOH 176 ? 1_555 CO ? C CO . ? A CO 21 ? 1_555 O   ? G HOH . ? A HOH 177 ? 1_555 91.8  ? 
11 N7  ? A DG  2 ? A DG  2   ? 1_555 CO ? C CO . ? A CO 21 ? 1_555 O   ? G HOH . ? A HOH 178 ? 1_555 175.4 ? 
12 O   ? G HOH . ? A HOH 174 ? 1_555 CO ? C CO . ? A CO 21 ? 1_555 O   ? G HOH . ? A HOH 178 ? 1_555 88.7  ? 
13 O   ? G HOH . ? A HOH 175 ? 1_555 CO ? C CO . ? A CO 21 ? 1_555 O   ? G HOH . ? A HOH 178 ? 1_555 88.7  ? 
14 O   ? G HOH . ? A HOH 176 ? 1_555 CO ? C CO . ? A CO 21 ? 1_555 O   ? G HOH . ? A HOH 178 ? 1_555 87.3  ? 
15 O   ? G HOH . ? A HOH 177 ? 1_555 CO ? C CO . ? A CO 21 ? 1_555 O   ? G HOH . ? A HOH 178 ? 1_555 89.6  ? 
16 OP2 ? B DG  2 ? B DG  8   ? 1_555 MG ? F MG . ? B MG 23 ? 1_555 OP2 ? B DG  2 ? B DG  8   ? 4_556 97.3  ? 
17 OP2 ? B DG  2 ? B DG  8   ? 1_555 MG ? F MG . ? B MG 23 ? 1_555 O   ? H HOH . ? B HOH 172 ? 1_555 88.1  ? 
18 OP2 ? B DG  2 ? B DG  8   ? 4_556 MG ? F MG . ? B MG 23 ? 1_555 O   ? H HOH . ? B HOH 172 ? 1_555 173.6 ? 
19 OP2 ? B DG  2 ? B DG  8   ? 1_555 MG ? F MG . ? B MG 23 ? 1_555 O   ? H HOH . ? B HOH 172 ? 4_556 173.5 ? 
20 OP2 ? B DG  2 ? B DG  8   ? 4_556 MG ? F MG . ? B MG 23 ? 1_555 O   ? H HOH . ? B HOH 172 ? 4_556 88.1  ? 
21 O   ? H HOH . ? B HOH 172 ? 1_555 MG ? F MG . ? B MG 23 ? 1_555 O   ? H HOH . ? B HOH 172 ? 4_556 86.8  ? 
22 OP2 ? B DG  2 ? B DG  8   ? 1_555 MG ? F MG . ? B MG 23 ? 1_555 O   ? H HOH . ? B HOH 172 ? 3_656 89.7  ? 
23 OP2 ? B DG  2 ? B DG  8   ? 4_556 MG ? F MG . ? B MG 23 ? 1_555 O   ? H HOH . ? B HOH 172 ? 3_656 151.2 ? 
24 O   ? H HOH . ? B HOH 172 ? 1_555 MG ? F MG . ? B MG 23 ? 1_555 O   ? H HOH . ? B HOH 172 ? 3_656 31.6  ? 
25 O   ? H HOH . ? B HOH 172 ? 4_556 MG ? F MG . ? B MG 23 ? 1_555 O   ? H HOH . ? B HOH 172 ? 3_656 83.9  ? 
26 OP2 ? B DG  2 ? B DG  8   ? 1_555 MG ? F MG . ? B MG 23 ? 1_555 O   ? H HOH . ? B HOH 172 ? 2_655 151.3 ? 
27 OP2 ? B DG  2 ? B DG  8   ? 4_556 MG ? F MG . ? B MG 23 ? 1_555 O   ? H HOH . ? B HOH 172 ? 2_655 89.7  ? 
28 O   ? H HOH . ? B HOH 172 ? 1_555 MG ? F MG . ? B MG 23 ? 1_555 O   ? H HOH . ? B HOH 172 ? 2_655 83.9  ? 
29 O   ? H HOH . ? B HOH 172 ? 4_556 MG ? F MG . ? B MG 23 ? 1_555 O   ? H HOH . ? B HOH 172 ? 2_655 31.6  ? 
30 O   ? H HOH . ? B HOH 172 ? 3_656 MG ? F MG . ? B MG 23 ? 1_555 O   ? H HOH . ? B HOH 172 ? 2_655 97.5  ? 
31 OP2 ? B DG  2 ? B DG  8   ? 1_555 MG ? F MG . ? B MG 23 ? 1_555 O   ? H HOH . ? B HOH 173 ? 1_555 98.2  ? 
32 OP2 ? B DG  2 ? B DG  8   ? 4_556 MG ? F MG . ? B MG 23 ? 1_555 O   ? H HOH . ? B HOH 173 ? 1_555 81.2  ? 
33 O   ? H HOH . ? B HOH 172 ? 1_555 MG ? F MG . ? B MG 23 ? 1_555 O   ? H HOH . ? B HOH 173 ? 1_555 94.5  ? 
34 O   ? H HOH . ? B HOH 172 ? 4_556 MG ? F MG . ? B MG 23 ? 1_555 O   ? H HOH . ? B HOH 173 ? 1_555 86.1  ? 
35 O   ? H HOH . ? B HOH 172 ? 3_656 MG ? F MG . ? B MG 23 ? 1_555 O   ? H HOH . ? B HOH 173 ? 1_555 125.5 ? 
36 O   ? H HOH . ? B HOH 172 ? 2_655 MG ? F MG . ? B MG 23 ? 1_555 O   ? H HOH . ? B HOH 173 ? 1_555 55.2  ? 
37 OP2 ? B DG  2 ? B DG  8   ? 1_555 MG ? F MG . ? B MG 23 ? 1_555 O   ? H HOH . ? B HOH 173 ? 4_556 81.2  ? 
38 OP2 ? B DG  2 ? B DG  8   ? 4_556 MG ? F MG . ? B MG 23 ? 1_555 O   ? H HOH . ? B HOH 173 ? 4_556 98.2  ? 
39 O   ? H HOH . ? B HOH 172 ? 1_555 MG ? F MG . ? B MG 23 ? 1_555 O   ? H HOH . ? B HOH 173 ? 4_556 86.1  ? 
40 O   ? H HOH . ? B HOH 172 ? 4_556 MG ? F MG . ? B MG 23 ? 1_555 O   ? H HOH . ? B HOH 173 ? 4_556 94.5  ? 
41 O   ? H HOH . ? B HOH 172 ? 3_656 MG ? F MG . ? B MG 23 ? 1_555 O   ? H HOH . ? B HOH 173 ? 4_556 55.2  ? 
42 O   ? H HOH . ? B HOH 172 ? 2_655 MG ? F MG . ? B MG 23 ? 1_555 O   ? H HOH . ? B HOH 173 ? 4_556 125.5 ? 
43 O   ? H HOH . ? B HOH 173 ? 1_555 MG ? F MG . ? B MG 23 ? 1_555 O   ? H HOH . ? B HOH 173 ? 4_556 179.1 ? 
44 N7  ? B DG  6 ? B DG  12  ? 1_555 CO ? E CO . ? B CO 22 ? 1_555 N7  ? B DG  6 ? B DG  12  ? 3_755 178.7 ? 
45 N7  ? B DG  6 ? B DG  12  ? 1_555 CO ? E CO . ? B CO 22 ? 1_555 O   ? H HOH . ? B HOH 170 ? 1_555 86.7  ? 
46 N7  ? B DG  6 ? B DG  12  ? 3_755 CO ? E CO . ? B CO 22 ? 1_555 O   ? H HOH . ? B HOH 170 ? 1_555 92.3  ? 
47 N7  ? B DG  6 ? B DG  12  ? 1_555 CO ? E CO . ? B CO 22 ? 1_555 O   ? H HOH . ? B HOH 170 ? 3_755 92.3  ? 
48 N7  ? B DG  6 ? B DG  12  ? 3_755 CO ? E CO . ? B CO 22 ? 1_555 O   ? H HOH . ? B HOH 170 ? 3_755 86.7  ? 
49 O   ? H HOH . ? B HOH 170 ? 1_555 CO ? E CO . ? B CO 22 ? 1_555 O   ? H HOH . ? B HOH 170 ? 3_755 85.4  ? 
50 N7  ? B DG  6 ? B DG  12  ? 1_555 CO ? E CO . ? B CO 22 ? 1_555 O   ? H HOH . ? B HOH 171 ? 1_555 91.7  ? 
51 N7  ? B DG  6 ? B DG  12  ? 3_755 CO ? E CO . ? B CO 22 ? 1_555 O   ? H HOH . ? B HOH 171 ? 1_555 89.1  ? 
52 O   ? H HOH . ? B HOH 170 ? 1_555 CO ? E CO . ? B CO 22 ? 1_555 O   ? H HOH . ? B HOH 171 ? 1_555 88.4  ? 
53 O   ? H HOH . ? B HOH 170 ? 3_755 CO ? E CO . ? B CO 22 ? 1_555 O   ? H HOH . ? B HOH 171 ? 1_555 172.3 ? 
54 N7  ? B DG  6 ? B DG  12  ? 1_555 CO ? E CO . ? B CO 22 ? 1_555 O   ? H HOH . ? B HOH 171 ? 3_755 89.1  ? 
55 N7  ? B DG  6 ? B DG  12  ? 3_755 CO ? E CO . ? B CO 22 ? 1_555 O   ? H HOH . ? B HOH 171 ? 3_755 91.7  ? 
56 O   ? H HOH . ? B HOH 170 ? 1_555 CO ? E CO . ? B CO 22 ? 1_555 O   ? H HOH . ? B HOH 171 ? 3_755 172.3 ? 
57 O   ? H HOH . ? B HOH 170 ? 3_755 CO ? E CO . ? B CO 22 ? 1_555 O   ? H HOH . ? B HOH 171 ? 3_755 88.4  ? 
58 O   ? H HOH . ? B HOH 171 ? 1_555 CO ? E CO . ? B CO 22 ? 1_555 O   ? H HOH . ? B HOH 171 ? 3_755 98.2  ? 
# 
loop_
_struct_site.id 
_struct_site.pdbx_evidence_code 
_struct_site.pdbx_auth_asym_id 
_struct_site.pdbx_auth_comp_id 
_struct_site.pdbx_auth_seq_id 
_struct_site.pdbx_auth_ins_code 
_struct_site.pdbx_num_residues 
_struct_site.details 
AC1 Software B CO  22 ? 6 'BINDING SITE FOR RESIDUE CO B 22'  
AC2 Software B MG  23 ? 8 'BINDING SITE FOR RESIDUE MG B 23'  
AC3 Software A CO  21 ? 6 'BINDING SITE FOR RESIDUE CO A 21'  
AC4 Software A B9A 13 ? 4 'BINDING SITE FOR RESIDUE B9A A 13' 
1   ?        ? ?   ?  ? ? ?                                   
# 
loop_
_struct_site_gen.id 
_struct_site_gen.site_id 
_struct_site_gen.pdbx_num_res 
_struct_site_gen.label_comp_id 
_struct_site_gen.label_asym_id 
_struct_site_gen.label_seq_id 
_struct_site_gen.pdbx_auth_ins_code 
_struct_site_gen.auth_comp_id 
_struct_site_gen.auth_asym_id 
_struct_site_gen.auth_seq_id 
_struct_site_gen.label_atom_id 
_struct_site_gen.label_alt_id 
_struct_site_gen.symmetry 
_struct_site_gen.details 
1  AC1 6 DG  B 6 ? DG  B 12  . ? 3_755 ? 
2  AC1 6 DG  B 6 ? DG  B 12  . ? 1_555 ? 
3  AC1 6 HOH H . ? HOH B 170 . ? 3_755 ? 
4  AC1 6 HOH H . ? HOH B 170 . ? 1_555 ? 
5  AC1 6 HOH H . ? HOH B 171 . ? 3_755 ? 
6  AC1 6 HOH H . ? HOH B 171 . ? 1_555 ? 
7  AC2 8 DG  B 2 ? DG  B 8   . ? 4_556 ? 
8  AC2 8 DG  B 2 ? DG  B 8   . ? 1_555 ? 
9  AC2 8 HOH H . ? HOH B 172 . ? 1_555 ? 
10 AC2 8 HOH H . ? HOH B 172 . ? 3_656 ? 
11 AC2 8 HOH H . ? HOH B 172 . ? 2_655 ? 
12 AC2 8 HOH H . ? HOH B 172 . ? 4_556 ? 
13 AC2 8 HOH H . ? HOH B 173 . ? 4_556 ? 
14 AC2 8 HOH H . ? HOH B 173 . ? 1_555 ? 
15 AC3 6 DG  A 2 ? DG  A 2   . ? 1_555 ? 
16 AC3 6 HOH G . ? HOH A 174 . ? 1_555 ? 
17 AC3 6 HOH G . ? HOH A 175 . ? 1_555 ? 
18 AC3 6 HOH G . ? HOH A 176 . ? 1_555 ? 
19 AC3 6 HOH G . ? HOH A 177 . ? 1_555 ? 
20 AC3 6 HOH G . ? HOH A 178 . ? 1_555 ? 
21 AC4 4 DC  A 5 ? DC  A 5   . ? 1_555 ? 
22 AC4 4 DG  A 6 ? DG  A 6   . ? 1_555 ? 
23 AC4 4 DC  B 1 ? DC  B 7   . ? 3_656 ? 
24 AC4 4 DG  B 2 ? DG  B 8   . ? 1_555 ? 
# 
loop_
_pdbx_validate_rmsd_angle.id 
_pdbx_validate_rmsd_angle.PDB_model_num 
_pdbx_validate_rmsd_angle.auth_atom_id_1 
_pdbx_validate_rmsd_angle.auth_asym_id_1 
_pdbx_validate_rmsd_angle.auth_comp_id_1 
_pdbx_validate_rmsd_angle.auth_seq_id_1 
_pdbx_validate_rmsd_angle.PDB_ins_code_1 
_pdbx_validate_rmsd_angle.label_alt_id_1 
_pdbx_validate_rmsd_angle.auth_atom_id_2 
_pdbx_validate_rmsd_angle.auth_asym_id_2 
_pdbx_validate_rmsd_angle.auth_comp_id_2 
_pdbx_validate_rmsd_angle.auth_seq_id_2 
_pdbx_validate_rmsd_angle.PDB_ins_code_2 
_pdbx_validate_rmsd_angle.label_alt_id_2 
_pdbx_validate_rmsd_angle.auth_atom_id_3 
_pdbx_validate_rmsd_angle.auth_asym_id_3 
_pdbx_validate_rmsd_angle.auth_comp_id_3 
_pdbx_validate_rmsd_angle.auth_seq_id_3 
_pdbx_validate_rmsd_angle.PDB_ins_code_3 
_pdbx_validate_rmsd_angle.label_alt_id_3 
_pdbx_validate_rmsd_angle.angle_value 
_pdbx_validate_rmsd_angle.angle_target_value 
_pdbx_validate_rmsd_angle.angle_deviation 
_pdbx_validate_rmsd_angle.angle_standard_deviation 
_pdbx_validate_rmsd_angle.linker_flag 
1 1 N1    A DA 4  ? ? C2    A DA 4  ? ? N3    A DA 4  ? ? 124.35 129.30 -4.95 0.50 N 
2 1 C2    A DA 4  ? ? N3    A DA 4  ? ? C4    A DA 4  ? ? 114.22 110.60 3.62  0.50 N 
3 1 "O5'" A DG 6  ? ? "C5'" A DG 6  ? ? "C4'" A DG 6  ? ? 104.03 109.40 -5.37 0.80 N 
4 1 N3    A DG 6  ? ? C2    A DG 6  ? ? N2    A DG 6  ? ? 115.70 119.90 -4.20 0.70 N 
5 1 "O4'" B DC 7  ? ? "C1'" B DC 7  ? ? N1    B DC 7  ? ? 102.55 108.00 -5.45 0.70 N 
6 1 C5    B DA 10 ? ? N7    B DA 10 ? ? C8    B DA 10 ? ? 106.99 103.90 3.09  0.50 N 
7 1 N7    B DA 10 ? ? C8    B DA 10 ? ? N9    B DA 10 ? ? 110.38 113.80 -3.42 0.50 N 
8 1 "O4'" B DG 12 ? ? "C1'" B DG 12 ? ? N9    B DG 12 ? ? 110.54 108.30 2.24  0.30 N 
9 1 N1    B DG 12 ? ? C6    B DG 12 ? ? O6    B DG 12 ? ? 115.95 119.90 -3.95 0.60 N 
# 
loop_
_pdbx_validate_planes.id 
_pdbx_validate_planes.PDB_model_num 
_pdbx_validate_planes.auth_comp_id 
_pdbx_validate_planes.auth_asym_id 
_pdbx_validate_planes.auth_seq_id 
_pdbx_validate_planes.PDB_ins_code 
_pdbx_validate_planes.label_alt_id 
_pdbx_validate_planes.rmsd 
_pdbx_validate_planes.type 
1 1 DG B 8  ? ? 0.067 'SIDE CHAIN' 
2 1 DG B 12 ? ? 0.064 'SIDE CHAIN' 
# 
_struct_site_keywords.site_id   1 
_struct_site_keywords.text      INTERCALATION 
# 
loop_
_pdbx_struct_special_symmetry.id 
_pdbx_struct_special_symmetry.PDB_model_num 
_pdbx_struct_special_symmetry.auth_asym_id 
_pdbx_struct_special_symmetry.auth_comp_id 
_pdbx_struct_special_symmetry.auth_seq_id 
_pdbx_struct_special_symmetry.PDB_ins_code 
_pdbx_struct_special_symmetry.label_asym_id 
_pdbx_struct_special_symmetry.label_comp_id 
_pdbx_struct_special_symmetry.label_seq_id 
1 1 B CO  22  ? E CO  . 
2 1 B MG  23  ? F MG  . 
3 1 A HOH 134 ? G HOH . 
4 1 B HOH 102 ? H HOH . 
5 1 B HOH 149 ? H HOH . 
6 1 B HOH 158 ? H HOH . 
# 
loop_
_chem_comp_atom.comp_id 
_chem_comp_atom.atom_id 
_chem_comp_atom.type_symbol 
_chem_comp_atom.pdbx_aromatic_flag 
_chem_comp_atom.pdbx_stereo_config 
_chem_comp_atom.pdbx_ordinal 
B9A C1A    C  Y N 1   
B9A C2A    C  Y N 2   
B9A C3A    C  Y N 3   
B9A C4A    C  Y N 4   
B9A C5A    C  Y N 5   
B9A C6A    C  Y N 6   
B9A C7A    C  Y N 7   
B9A C8A    C  Y N 8   
B9A C9A    C  Y N 9   
B9A N9A    N  N N 10  
B9A NAA    N  Y N 11  
B9A CBA    C  Y N 12  
B9A CCA    C  Y N 13  
B9A CDA    C  Y N 14  
B9A CEA    C  Y N 15  
B9A C15    C  N N 16  
B9A C16    C  N N 17  
B9A C17    C  N N 18  
B9A N18    N  N N 19  
B9A C19    C  N N 20  
B9A C20    C  N N 21  
B9A C21    C  N N 22  
B9A C22    C  N N 23  
B9A N23    N  N N 24  
B9A C24    C  N N 25  
B9A C25    C  N N 26  
B9A C26    C  N N 27  
B9A C28    C  N N 28  
B9A S29    S  N N 29  
B9A C30    C  N N 30  
B9A C31    C  N N 31  
B9A N32    N  N N 32  
B9A C33    C  N N 33  
B9A O34    O  N N 34  
B9A C35    C  N N 35  
B9A C36    C  N N 36  
B9A C37    C  N N 37  
B9A O38    O  N N 38  
B9A N39    N  N N 39  
B9A C40    C  N N 40  
B9A C41    C  N N 41  
B9A S42    S  N N 42  
B9A C43    C  N N 43  
B9A C1B    C  Y N 44  
B9A C2B    C  Y N 45  
B9A C3B    C  Y N 46  
B9A C4B    C  Y N 47  
B9A C5B    C  Y N 48  
B9A C6B    C  Y N 49  
B9A C7B    C  Y N 50  
B9A C8B    C  Y N 51  
B9A C9B    C  Y N 52  
B9A NAB    N  Y N 53  
B9A CBB    C  Y N 54  
B9A CCB    C  Y N 55  
B9A CDB    C  Y N 56  
B9A CEB    C  Y N 57  
B9A N9B    N  N N 58  
B9A H1A    H  N N 59  
B9A H2A    H  N N 60  
B9A H3A    H  N N 61  
B9A H5A    H  N N 62  
B9A H6A    H  N N 63  
B9A H7A    H  N N 64  
B9A H8A    H  N N 65  
B9A H9A    H  N N 66  
B9A H151   H  N N 67  
B9A H152   H  N N 68  
B9A H161   H  N N 69  
B9A H162   H  N N 70  
B9A H171   H  N N 71  
B9A H172   H  N N 72  
B9A H18    H  N N 73  
B9A H191   H  N N 74  
B9A H192   H  N N 75  
B9A H201   H  N N 76  
B9A H202   H  N N 77  
B9A H211   H  N N 78  
B9A H212   H  N N 79  
B9A H221   H  N N 80  
B9A H222   H  N N 81  
B9A H23    H  N N 82  
B9A H241   H  N N 83  
B9A H242   H  N N 84  
B9A H251   H  N N 85  
B9A H252   H  N N 86  
B9A H261   H  N N 87  
B9A H262   H  N N 88  
B9A H281   H  N N 89  
B9A H282   H  N N 90  
B9A H301   H  N N 91  
B9A H302   H  N N 92  
B9A H311   H  N N 93  
B9A H312   H  N N 94  
B9A H32    H  N N 95  
B9A H351   H  N N 96  
B9A H352   H  N N 97  
B9A H361   H  N N 98  
B9A H362   H  N N 99  
B9A HC37   H  N N 100 
B9A HO38   H  N N 101 
B9A H39    H  N N 102 
B9A H401   H  N N 103 
B9A H402   H  N N 104 
B9A H411   H  N N 105 
B9A H412   H  N N 106 
B9A H431   H  N N 107 
B9A H432   H  N N 108 
B9A H1B    H  N N 109 
B9A H2B    H  N N 110 
B9A H3B    H  N N 111 
B9A H4B    H  N N 112 
B9A H6B    H  N N 113 
B9A H7B    H  N N 114 
B9A H8B    H  N N 115 
B9A H9B    H  N N 116 
CO  CO     CO N N 117 
DA  OP3    O  N N 118 
DA  P      P  N N 119 
DA  OP1    O  N N 120 
DA  OP2    O  N N 121 
DA  "O5'"  O  N N 122 
DA  "C5'"  C  N N 123 
DA  "C4'"  C  N R 124 
DA  "O4'"  O  N N 125 
DA  "C3'"  C  N S 126 
DA  "O3'"  O  N N 127 
DA  "C2'"  C  N N 128 
DA  "C1'"  C  N R 129 
DA  N9     N  Y N 130 
DA  C8     C  Y N 131 
DA  N7     N  Y N 132 
DA  C5     C  Y N 133 
DA  C6     C  Y N 134 
DA  N6     N  N N 135 
DA  N1     N  Y N 136 
DA  C2     C  Y N 137 
DA  N3     N  Y N 138 
DA  C4     C  Y N 139 
DA  HOP3   H  N N 140 
DA  HOP2   H  N N 141 
DA  "H5'"  H  N N 142 
DA  "H5''" H  N N 143 
DA  "H4'"  H  N N 144 
DA  "H3'"  H  N N 145 
DA  "HO3'" H  N N 146 
DA  "H2'"  H  N N 147 
DA  "H2''" H  N N 148 
DA  "H1'"  H  N N 149 
DA  H8     H  N N 150 
DA  H61    H  N N 151 
DA  H62    H  N N 152 
DA  H2     H  N N 153 
DC  OP3    O  N N 154 
DC  P      P  N N 155 
DC  OP1    O  N N 156 
DC  OP2    O  N N 157 
DC  "O5'"  O  N N 158 
DC  "C5'"  C  N N 159 
DC  "C4'"  C  N R 160 
DC  "O4'"  O  N N 161 
DC  "C3'"  C  N S 162 
DC  "O3'"  O  N N 163 
DC  "C2'"  C  N N 164 
DC  "C1'"  C  N R 165 
DC  N1     N  N N 166 
DC  C2     C  N N 167 
DC  O2     O  N N 168 
DC  N3     N  N N 169 
DC  C4     C  N N 170 
DC  N4     N  N N 171 
DC  C5     C  N N 172 
DC  C6     C  N N 173 
DC  HOP3   H  N N 174 
DC  HOP2   H  N N 175 
DC  "H5'"  H  N N 176 
DC  "H5''" H  N N 177 
DC  "H4'"  H  N N 178 
DC  "H3'"  H  N N 179 
DC  "HO3'" H  N N 180 
DC  "H2'"  H  N N 181 
DC  "H2''" H  N N 182 
DC  "H1'"  H  N N 183 
DC  H41    H  N N 184 
DC  H42    H  N N 185 
DC  H5     H  N N 186 
DC  H6     H  N N 187 
DG  OP3    O  N N 188 
DG  P      P  N N 189 
DG  OP1    O  N N 190 
DG  OP2    O  N N 191 
DG  "O5'"  O  N N 192 
DG  "C5'"  C  N N 193 
DG  "C4'"  C  N R 194 
DG  "O4'"  O  N N 195 
DG  "C3'"  C  N S 196 
DG  "O3'"  O  N N 197 
DG  "C2'"  C  N N 198 
DG  "C1'"  C  N R 199 
DG  N9     N  Y N 200 
DG  C8     C  Y N 201 
DG  N7     N  Y N 202 
DG  C5     C  Y N 203 
DG  C6     C  N N 204 
DG  O6     O  N N 205 
DG  N1     N  N N 206 
DG  C2     C  N N 207 
DG  N2     N  N N 208 
DG  N3     N  N N 209 
DG  C4     C  Y N 210 
DG  HOP3   H  N N 211 
DG  HOP2   H  N N 212 
DG  "H5'"  H  N N 213 
DG  "H5''" H  N N 214 
DG  "H4'"  H  N N 215 
DG  "H3'"  H  N N 216 
DG  "HO3'" H  N N 217 
DG  "H2'"  H  N N 218 
DG  "H2''" H  N N 219 
DG  "H1'"  H  N N 220 
DG  H8     H  N N 221 
DG  H1     H  N N 222 
DG  H21    H  N N 223 
DG  H22    H  N N 224 
DT  OP3    O  N N 225 
DT  P      P  N N 226 
DT  OP1    O  N N 227 
DT  OP2    O  N N 228 
DT  "O5'"  O  N N 229 
DT  "C5'"  C  N N 230 
DT  "C4'"  C  N R 231 
DT  "O4'"  O  N N 232 
DT  "C3'"  C  N S 233 
DT  "O3'"  O  N N 234 
DT  "C2'"  C  N N 235 
DT  "C1'"  C  N R 236 
DT  N1     N  N N 237 
DT  C2     C  N N 238 
DT  O2     O  N N 239 
DT  N3     N  N N 240 
DT  C4     C  N N 241 
DT  O4     O  N N 242 
DT  C5     C  N N 243 
DT  C7     C  N N 244 
DT  C6     C  N N 245 
DT  HOP3   H  N N 246 
DT  HOP2   H  N N 247 
DT  "H5'"  H  N N 248 
DT  "H5''" H  N N 249 
DT  "H4'"  H  N N 250 
DT  "H3'"  H  N N 251 
DT  "HO3'" H  N N 252 
DT  "H2'"  H  N N 253 
DT  "H2''" H  N N 254 
DT  "H1'"  H  N N 255 
DT  H3     H  N N 256 
DT  H71    H  N N 257 
DT  H72    H  N N 258 
DT  H73    H  N N 259 
DT  H6     H  N N 260 
HOH O      O  N N 261 
HOH H1     H  N N 262 
HOH H2     H  N N 263 
MG  MG     MG N N 264 
# 
loop_
_chem_comp_bond.comp_id 
_chem_comp_bond.atom_id_1 
_chem_comp_bond.atom_id_2 
_chem_comp_bond.value_order 
_chem_comp_bond.pdbx_aromatic_flag 
_chem_comp_bond.pdbx_stereo_config 
_chem_comp_bond.pdbx_ordinal 
B9A C1A   C2A    doub Y N 1   
B9A C1A   CDA    sing Y N 2   
B9A C1A   H1A    sing N N 3   
B9A C2A   C3A    sing Y N 4   
B9A C2A   H2A    sing N N 5   
B9A C3A   C4A    doub Y N 6   
B9A C3A   H3A    sing N N 7   
B9A C4A   CEA    sing Y N 8   
B9A C4A   C28    sing N N 9   
B9A C5A   C6A    doub Y N 10  
B9A C5A   CBA    sing Y N 11  
B9A C5A   H5A    sing N N 12  
B9A C6A   C7A    sing Y N 13  
B9A C6A   H6A    sing N N 14  
B9A C7A   C8A    doub Y N 15  
B9A C7A   H7A    sing N N 16  
B9A C8A   CCA    sing Y N 17  
B9A C8A   H8A    sing N N 18  
B9A C9A   N9A    sing N N 19  
B9A C9A   CCA    doub Y N 20  
B9A C9A   CDA    sing Y N 21  
B9A N9A   C15    sing N N 22  
B9A N9A   H9A    sing N N 23  
B9A NAA   CBA    doub Y N 24  
B9A NAA   CEA    sing Y N 25  
B9A CBA   CCA    sing Y N 26  
B9A CDA   CEA    doub Y N 27  
B9A C15   C16    sing N N 28  
B9A C15   H151   sing N N 29  
B9A C15   H152   sing N N 30  
B9A C16   C17    sing N N 31  
B9A C16   H161   sing N N 32  
B9A C16   H162   sing N N 33  
B9A C17   N18    sing N N 34  
B9A C17   H171   sing N N 35  
B9A C17   H172   sing N N 36  
B9A N18   C19    sing N N 37  
B9A N18   H18    sing N N 38  
B9A C19   C20    sing N N 39  
B9A C19   H191   sing N N 40  
B9A C19   H192   sing N N 41  
B9A C20   C21    sing N N 42  
B9A C20   H201   sing N N 43  
B9A C20   H202   sing N N 44  
B9A C21   C22    sing N N 45  
B9A C21   H211   sing N N 46  
B9A C21   H212   sing N N 47  
B9A C22   N23    sing N N 48  
B9A C22   H221   sing N N 49  
B9A C22   H222   sing N N 50  
B9A N23   C24    sing N N 51  
B9A N23   H23    sing N N 52  
B9A C24   C25    sing N N 53  
B9A C24   H241   sing N N 54  
B9A C24   H242   sing N N 55  
B9A C25   C26    sing N N 56  
B9A C25   H251   sing N N 57  
B9A C25   H252   sing N N 58  
B9A C26   N9B    sing N N 59  
B9A C26   H261   sing N N 60  
B9A C26   H262   sing N N 61  
B9A C28   S29    sing N N 62  
B9A C28   H281   sing N N 63  
B9A C28   H282   sing N N 64  
B9A S29   C30    sing N N 65  
B9A C30   C31    sing N N 66  
B9A C30   H301   sing N N 67  
B9A C30   H302   sing N N 68  
B9A C31   N32    sing N N 69  
B9A C31   H311   sing N N 70  
B9A C31   H312   sing N N 71  
B9A N32   C33    sing N N 72  
B9A N32   H32    sing N N 73  
B9A C33   O34    doub N N 74  
B9A C33   C35    sing N N 75  
B9A C35   C36    sing N N 76  
B9A C35   H351   sing N N 77  
B9A C35   H352   sing N N 78  
B9A C36   C37    sing N N 79  
B9A C36   H361   sing N N 80  
B9A C36   H362   sing N N 81  
B9A C37   O38    sing N N 82  
B9A C37   N39    sing N N 83  
B9A C37   HC37   sing N N 84  
B9A O38   HO38   sing N N 85  
B9A N39   C40    sing N N 86  
B9A N39   H39    sing N N 87  
B9A C40   C41    sing N N 88  
B9A C40   H401   sing N N 89  
B9A C40   H402   sing N N 90  
B9A C41   S42    sing N N 91  
B9A C41   H411   sing N N 92  
B9A C41   H412   sing N N 93  
B9A S42   C43    sing N N 94  
B9A C43   C5B    sing N N 95  
B9A C43   H431   sing N N 96  
B9A C43   H432   sing N N 97  
B9A C1B   C2B    doub Y N 98  
B9A C1B   CDB    sing Y N 99  
B9A C1B   H1B    sing N N 100 
B9A C2B   C3B    sing Y N 101 
B9A C2B   H2B    sing N N 102 
B9A C3B   C4B    doub Y N 103 
B9A C3B   H3B    sing N N 104 
B9A C4B   CEB    sing Y N 105 
B9A C4B   H4B    sing N N 106 
B9A C5B   C6B    doub Y N 107 
B9A C5B   CBB    sing Y N 108 
B9A C6B   C7B    sing Y N 109 
B9A C6B   H6B    sing N N 110 
B9A C7B   C8B    doub Y N 111 
B9A C7B   H7B    sing N N 112 
B9A C8B   CCB    sing Y N 113 
B9A C8B   H8B    sing N N 114 
B9A C9B   CCB    doub Y N 115 
B9A C9B   CDB    sing Y N 116 
B9A C9B   N9B    sing N N 117 
B9A NAB   CBB    doub Y N 118 
B9A NAB   CEB    sing Y N 119 
B9A CBB   CCB    sing Y N 120 
B9A CDB   CEB    doub Y N 121 
B9A N9B   H9B    sing N N 122 
DA  OP3   P      sing N N 123 
DA  OP3   HOP3   sing N N 124 
DA  P     OP1    doub N N 125 
DA  P     OP2    sing N N 126 
DA  P     "O5'"  sing N N 127 
DA  OP2   HOP2   sing N N 128 
DA  "O5'" "C5'"  sing N N 129 
DA  "C5'" "C4'"  sing N N 130 
DA  "C5'" "H5'"  sing N N 131 
DA  "C5'" "H5''" sing N N 132 
DA  "C4'" "O4'"  sing N N 133 
DA  "C4'" "C3'"  sing N N 134 
DA  "C4'" "H4'"  sing N N 135 
DA  "O4'" "C1'"  sing N N 136 
DA  "C3'" "O3'"  sing N N 137 
DA  "C3'" "C2'"  sing N N 138 
DA  "C3'" "H3'"  sing N N 139 
DA  "O3'" "HO3'" sing N N 140 
DA  "C2'" "C1'"  sing N N 141 
DA  "C2'" "H2'"  sing N N 142 
DA  "C2'" "H2''" sing N N 143 
DA  "C1'" N9     sing N N 144 
DA  "C1'" "H1'"  sing N N 145 
DA  N9    C8     sing Y N 146 
DA  N9    C4     sing Y N 147 
DA  C8    N7     doub Y N 148 
DA  C8    H8     sing N N 149 
DA  N7    C5     sing Y N 150 
DA  C5    C6     sing Y N 151 
DA  C5    C4     doub Y N 152 
DA  C6    N6     sing N N 153 
DA  C6    N1     doub Y N 154 
DA  N6    H61    sing N N 155 
DA  N6    H62    sing N N 156 
DA  N1    C2     sing Y N 157 
DA  C2    N3     doub Y N 158 
DA  C2    H2     sing N N 159 
DA  N3    C4     sing Y N 160 
DC  OP3   P      sing N N 161 
DC  OP3   HOP3   sing N N 162 
DC  P     OP1    doub N N 163 
DC  P     OP2    sing N N 164 
DC  P     "O5'"  sing N N 165 
DC  OP2   HOP2   sing N N 166 
DC  "O5'" "C5'"  sing N N 167 
DC  "C5'" "C4'"  sing N N 168 
DC  "C5'" "H5'"  sing N N 169 
DC  "C5'" "H5''" sing N N 170 
DC  "C4'" "O4'"  sing N N 171 
DC  "C4'" "C3'"  sing N N 172 
DC  "C4'" "H4'"  sing N N 173 
DC  "O4'" "C1'"  sing N N 174 
DC  "C3'" "O3'"  sing N N 175 
DC  "C3'" "C2'"  sing N N 176 
DC  "C3'" "H3'"  sing N N 177 
DC  "O3'" "HO3'" sing N N 178 
DC  "C2'" "C1'"  sing N N 179 
DC  "C2'" "H2'"  sing N N 180 
DC  "C2'" "H2''" sing N N 181 
DC  "C1'" N1     sing N N 182 
DC  "C1'" "H1'"  sing N N 183 
DC  N1    C2     sing N N 184 
DC  N1    C6     sing N N 185 
DC  C2    O2     doub N N 186 
DC  C2    N3     sing N N 187 
DC  N3    C4     doub N N 188 
DC  C4    N4     sing N N 189 
DC  C4    C5     sing N N 190 
DC  N4    H41    sing N N 191 
DC  N4    H42    sing N N 192 
DC  C5    C6     doub N N 193 
DC  C5    H5     sing N N 194 
DC  C6    H6     sing N N 195 
DG  OP3   P      sing N N 196 
DG  OP3   HOP3   sing N N 197 
DG  P     OP1    doub N N 198 
DG  P     OP2    sing N N 199 
DG  P     "O5'"  sing N N 200 
DG  OP2   HOP2   sing N N 201 
DG  "O5'" "C5'"  sing N N 202 
DG  "C5'" "C4'"  sing N N 203 
DG  "C5'" "H5'"  sing N N 204 
DG  "C5'" "H5''" sing N N 205 
DG  "C4'" "O4'"  sing N N 206 
DG  "C4'" "C3'"  sing N N 207 
DG  "C4'" "H4'"  sing N N 208 
DG  "O4'" "C1'"  sing N N 209 
DG  "C3'" "O3'"  sing N N 210 
DG  "C3'" "C2'"  sing N N 211 
DG  "C3'" "H3'"  sing N N 212 
DG  "O3'" "HO3'" sing N N 213 
DG  "C2'" "C1'"  sing N N 214 
DG  "C2'" "H2'"  sing N N 215 
DG  "C2'" "H2''" sing N N 216 
DG  "C1'" N9     sing N N 217 
DG  "C1'" "H1'"  sing N N 218 
DG  N9    C8     sing Y N 219 
DG  N9    C4     sing Y N 220 
DG  C8    N7     doub Y N 221 
DG  C8    H8     sing N N 222 
DG  N7    C5     sing Y N 223 
DG  C5    C6     sing N N 224 
DG  C5    C4     doub Y N 225 
DG  C6    O6     doub N N 226 
DG  C6    N1     sing N N 227 
DG  N1    C2     sing N N 228 
DG  N1    H1     sing N N 229 
DG  C2    N2     sing N N 230 
DG  C2    N3     doub N N 231 
DG  N2    H21    sing N N 232 
DG  N2    H22    sing N N 233 
DG  N3    C4     sing N N 234 
DT  OP3   P      sing N N 235 
DT  OP3   HOP3   sing N N 236 
DT  P     OP1    doub N N 237 
DT  P     OP2    sing N N 238 
DT  P     "O5'"  sing N N 239 
DT  OP2   HOP2   sing N N 240 
DT  "O5'" "C5'"  sing N N 241 
DT  "C5'" "C4'"  sing N N 242 
DT  "C5'" "H5'"  sing N N 243 
DT  "C5'" "H5''" sing N N 244 
DT  "C4'" "O4'"  sing N N 245 
DT  "C4'" "C3'"  sing N N 246 
DT  "C4'" "H4'"  sing N N 247 
DT  "O4'" "C1'"  sing N N 248 
DT  "C3'" "O3'"  sing N N 249 
DT  "C3'" "C2'"  sing N N 250 
DT  "C3'" "H3'"  sing N N 251 
DT  "O3'" "HO3'" sing N N 252 
DT  "C2'" "C1'"  sing N N 253 
DT  "C2'" "H2'"  sing N N 254 
DT  "C2'" "H2''" sing N N 255 
DT  "C1'" N1     sing N N 256 
DT  "C1'" "H1'"  sing N N 257 
DT  N1    C2     sing N N 258 
DT  N1    C6     sing N N 259 
DT  C2    O2     doub N N 260 
DT  C2    N3     sing N N 261 
DT  N3    C4     sing N N 262 
DT  N3    H3     sing N N 263 
DT  C4    O4     doub N N 264 
DT  C4    C5     sing N N 265 
DT  C5    C7     sing N N 266 
DT  C5    C6     doub N N 267 
DT  C7    H71    sing N N 268 
DT  C7    H72    sing N N 269 
DT  C7    H73    sing N N 270 
DT  C6    H6     sing N N 271 
HOH O     H1     sing N N 272 
HOH O     H2     sing N N 273 
# 
loop_
_ndb_struct_conf_na.entry_id 
_ndb_struct_conf_na.feature 
1FD5 'double helix'        
1FD5 'b-form double helix' 
# 
loop_
_ndb_struct_na_base_pair.model_number 
_ndb_struct_na_base_pair.i_label_asym_id 
_ndb_struct_na_base_pair.i_label_comp_id 
_ndb_struct_na_base_pair.i_label_seq_id 
_ndb_struct_na_base_pair.i_symmetry 
_ndb_struct_na_base_pair.j_label_asym_id 
_ndb_struct_na_base_pair.j_label_comp_id 
_ndb_struct_na_base_pair.j_label_seq_id 
_ndb_struct_na_base_pair.j_symmetry 
_ndb_struct_na_base_pair.shear 
_ndb_struct_na_base_pair.stretch 
_ndb_struct_na_base_pair.stagger 
_ndb_struct_na_base_pair.buckle 
_ndb_struct_na_base_pair.propeller 
_ndb_struct_na_base_pair.opening 
_ndb_struct_na_base_pair.pair_number 
_ndb_struct_na_base_pair.pair_name 
_ndb_struct_na_base_pair.i_auth_asym_id 
_ndb_struct_na_base_pair.i_auth_seq_id 
_ndb_struct_na_base_pair.i_PDB_ins_code 
_ndb_struct_na_base_pair.j_auth_asym_id 
_ndb_struct_na_base_pair.j_auth_seq_id 
_ndb_struct_na_base_pair.j_PDB_ins_code 
_ndb_struct_na_base_pair.hbond_type_28 
_ndb_struct_na_base_pair.hbond_type_12 
1 A DG 2 1_555 B DC 5 1_555 -0.311 -0.109 -0.081 -10.994 4.846  0.218  1 A_DG2:DC11_B A 2 ? B 11 ? 19 1 
1 A DT 3 1_555 B DA 4 1_555 0.096  -0.107 0.189  -1.294  -1.748 2.890  2 A_DT3:DA10_B A 3 ? B 10 ? 20 1 
1 A DA 4 1_555 B DT 3 1_555 0.105  -0.090 -0.045 -0.156  0.704  -2.017 3 A_DA4:DT9_B  A 4 ? B 9  ? 20 1 
1 A DC 5 1_555 B DG 2 1_555 0.307  -0.096 -0.067 21.847  -2.049 0.419  4 A_DC5:DG8_B  A 5 ? B 8  ? 19 1 
# 
loop_
_ndb_struct_na_base_pair_step.model_number 
_ndb_struct_na_base_pair_step.i_label_asym_id_1 
_ndb_struct_na_base_pair_step.i_label_comp_id_1 
_ndb_struct_na_base_pair_step.i_label_seq_id_1 
_ndb_struct_na_base_pair_step.i_symmetry_1 
_ndb_struct_na_base_pair_step.j_label_asym_id_1 
_ndb_struct_na_base_pair_step.j_label_comp_id_1 
_ndb_struct_na_base_pair_step.j_label_seq_id_1 
_ndb_struct_na_base_pair_step.j_symmetry_1 
_ndb_struct_na_base_pair_step.i_label_asym_id_2 
_ndb_struct_na_base_pair_step.i_label_comp_id_2 
_ndb_struct_na_base_pair_step.i_label_seq_id_2 
_ndb_struct_na_base_pair_step.i_symmetry_2 
_ndb_struct_na_base_pair_step.j_label_asym_id_2 
_ndb_struct_na_base_pair_step.j_label_comp_id_2 
_ndb_struct_na_base_pair_step.j_label_seq_id_2 
_ndb_struct_na_base_pair_step.j_symmetry_2 
_ndb_struct_na_base_pair_step.shift 
_ndb_struct_na_base_pair_step.slide 
_ndb_struct_na_base_pair_step.rise 
_ndb_struct_na_base_pair_step.tilt 
_ndb_struct_na_base_pair_step.roll 
_ndb_struct_na_base_pair_step.twist 
_ndb_struct_na_base_pair_step.x_displacement 
_ndb_struct_na_base_pair_step.y_displacement 
_ndb_struct_na_base_pair_step.helical_rise 
_ndb_struct_na_base_pair_step.inclination 
_ndb_struct_na_base_pair_step.tip 
_ndb_struct_na_base_pair_step.helical_twist 
_ndb_struct_na_base_pair_step.step_number 
_ndb_struct_na_base_pair_step.step_name 
_ndb_struct_na_base_pair_step.i_auth_asym_id_1 
_ndb_struct_na_base_pair_step.i_auth_seq_id_1 
_ndb_struct_na_base_pair_step.i_PDB_ins_code_1 
_ndb_struct_na_base_pair_step.j_auth_asym_id_1 
_ndb_struct_na_base_pair_step.j_auth_seq_id_1 
_ndb_struct_na_base_pair_step.j_PDB_ins_code_1 
_ndb_struct_na_base_pair_step.i_auth_asym_id_2 
_ndb_struct_na_base_pair_step.i_auth_seq_id_2 
_ndb_struct_na_base_pair_step.i_PDB_ins_code_2 
_ndb_struct_na_base_pair_step.j_auth_asym_id_2 
_ndb_struct_na_base_pair_step.j_auth_seq_id_2 
_ndb_struct_na_base_pair_step.j_PDB_ins_code_2 
1 A DG 2 1_555 B DC 5 1_555 A DT 3 1_555 B DA 4 1_555 -0.067 -0.408 3.145 -2.284 4.663 26.150 -2.045 -0.424 3.022 10.178 4.985  
26.652 1 AA_DG2DT3:DA10DC11_BB A 2 ? B 11 ? A 3 ? B 10 ? 
1 A DT 3 1_555 B DA 4 1_555 A DA 4 1_555 B DT 3 1_555 -0.057 -0.490 3.182 2.792  2.258 37.246 -1.051 0.444  3.136 3.526  -4.358 
37.413 2 AA_DT3DA4:DT9DA10_BB  A 3 ? B 10 ? A 4 ? B 9  ? 
1 A DA 4 1_555 B DT 3 1_555 A DC 5 1_555 B DG 2 1_555 0.896  -0.543 2.894 -1.882 4.412 27.033 -2.081 -2.289 2.705 9.344  3.987  
27.447 3 AA_DA4DC5:DG8DT9_BB   A 4 ? B 9  ? A 5 ? B 8  ? 
# 
_atom_sites.entry_id                    1FD5 
_atom_sites.fract_transf_matrix[1][1]   -0.03256088 
_atom_sites.fract_transf_matrix[1][2]   0.00688934 
_atom_sites.fract_transf_matrix[1][3]   0.00590772 
_atom_sites.fract_transf_matrix[2][1]   0.00186574 
_atom_sites.fract_transf_matrix[2][2]   0.01624576 
_atom_sites.fract_transf_matrix[2][3]   -0.00866194 
_atom_sites.fract_transf_matrix[3][1]   -0.00618764 
_atom_sites.fract_transf_matrix[3][2]   -0.01077390 
_atom_sites.fract_transf_matrix[3][3]   -0.02153960 
_atom_sites.fract_transf_vector[1]      0.609551 
_atom_sites.fract_transf_vector[2]      0.147619 
_atom_sites.fract_transf_vector[3]      0.245165 
# 
loop_
_atom_type.symbol 
C  
CO 
MG 
N  
O  
P  
# 
loop_
_atom_site.group_PDB 
_atom_site.id 
_atom_site.type_symbol 
_atom_site.label_atom_id 
_atom_site.label_alt_id 
_atom_site.label_comp_id 
_atom_site.label_asym_id 
_atom_site.label_entity_id 
_atom_site.label_seq_id 
_atom_site.pdbx_PDB_ins_code 
_atom_site.Cartn_x 
_atom_site.Cartn_y 
_atom_site.Cartn_z 
_atom_site.occupancy 
_atom_site.B_iso_or_equiv 
_atom_site.pdbx_formal_charge 
_atom_site.auth_seq_id 
_atom_site.auth_comp_id 
_atom_site.auth_asym_id 
_atom_site.auth_atom_id 
_atom_site.pdbx_PDB_model_num 
ATOM   1   O  "O3'" . DC  A 1 1 ? 2.844   7.211   -10.837 1.00 51.03 ? 1   DC  A "O3'" 1 
ATOM   2   P  P     . DG  A 1 2 ? 2.159   6.470   -9.621  1.00 30.20 ? 2   DG  A P     1 
ATOM   3   O  OP1   . DG  A 1 2 ? 2.399   4.995   -9.600  1.00 42.98 ? 2   DG  A OP1   1 
ATOM   4   O  OP2   . DG  A 1 2 ? 0.735   6.916   -9.495  1.00 34.02 ? 2   DG  A OP2   1 
ATOM   5   O  "O5'" . DG  A 1 2 ? 2.947   7.018   -8.360  1.00 27.29 ? 2   DG  A "O5'" 1 
ATOM   6   C  "C5'" . DG  A 1 2 ? 2.945   8.424   -8.011  1.00 26.06 ? 2   DG  A "C5'" 1 
ATOM   7   C  "C4'" . DG  A 1 2 ? 3.591   8.514   -6.638  1.00 22.02 ? 2   DG  A "C4'" 1 
ATOM   8   O  "O4'" . DG  A 1 2 ? 2.572   8.114   -5.706  1.00 20.81 ? 2   DG  A "O4'" 1 
ATOM   9   C  "C3'" . DG  A 1 2 ? 4.735   7.526   -6.380  1.00 22.19 ? 2   DG  A "C3'" 1 
ATOM   10  O  "O3'" . DG  A 1 2 ? 5.653   8.263   -5.547  1.00 24.82 ? 2   DG  A "O3'" 1 
ATOM   11  C  "C2'" . DG  A 1 2 ? 4.141   6.367   -5.600  1.00 20.34 ? 2   DG  A "C2'" 1 
ATOM   12  C  "C1'" . DG  A 1 2 ? 2.943   6.982   -4.920  1.00 17.86 ? 2   DG  A "C1'" 1 
ATOM   13  N  N9    . DG  A 1 2 ? 1.748   6.152   -4.795  1.00 17.49 ? 2   DG  A N9    1 
ATOM   14  C  C8    . DG  A 1 2 ? 1.056   5.549   -5.853  1.00 19.51 ? 2   DG  A C8    1 
ATOM   15  N  N7    . DG  A 1 2 ? -0.012  4.912   -5.510  1.00 18.05 ? 2   DG  A N7    1 
ATOM   16  C  C5    . DG  A 1 2 ? -0.096  5.155   -4.119  1.00 15.27 ? 2   DG  A C5    1 
ATOM   17  C  C6    . DG  A 1 2 ? -1.100  4.737   -3.213  1.00 13.74 ? 2   DG  A C6    1 
ATOM   18  O  O6    . DG  A 1 2 ? -2.146  4.127   -3.446  1.00 14.85 ? 2   DG  A O6    1 
ATOM   19  N  N1    . DG  A 1 2 ? -0.815  5.143   -1.877  1.00 12.38 ? 2   DG  A N1    1 
ATOM   20  C  C2    . DG  A 1 2 ? 0.347   5.823   -1.554  1.00 11.97 ? 2   DG  A C2    1 
ATOM   21  N  N2    . DG  A 1 2 ? 0.478   6.089   -0.234  1.00 12.78 ? 2   DG  A N2    1 
ATOM   22  N  N3    . DG  A 1 2 ? 1.256   6.231   -2.396  1.00 13.21 ? 2   DG  A N3    1 
ATOM   23  C  C4    . DG  A 1 2 ? 0.937   5.932   -3.694  1.00 14.68 ? 2   DG  A C4    1 
ATOM   24  P  P     . DT  A 1 3 ? 7.066   7.658   -5.108  1.00 25.89 ? 3   DT  A P     1 
ATOM   25  O  OP1   . DT  A 1 3 ? 7.946   8.819   -4.767  1.00 36.88 ? 3   DT  A OP1   1 
ATOM   26  O  OP2   . DT  A 1 3 ? 7.560   6.687   -6.135  1.00 32.64 ? 3   DT  A OP2   1 
ATOM   27  O  "O5'" . DT  A 1 3 ? 6.820   6.841   -3.774  1.00 21.54 ? 3   DT  A "O5'" 1 
ATOM   28  C  "C5'" . DT  A 1 3 ? 6.357   7.530   -2.587  1.00 20.37 ? 3   DT  A "C5'" 1 
ATOM   29  C  "C4'" . DT  A 1 3 ? 5.925   6.499   -1.596  1.00 17.62 ? 3   DT  A "C4'" 1 
ATOM   30  O  "O4'" . DT  A 1 3 ? 4.732   5.842   -2.061  1.00 16.34 ? 3   DT  A "O4'" 1 
ATOM   31  C  "C3'" . DT  A 1 3 ? 6.943   5.342   -1.322  1.00 16.53 ? 3   DT  A "C3'" 1 
ATOM   32  O  "O3'" . DT  A 1 3 ? 7.443   5.634   0.021   1.00 16.71 ? 3   DT  A "O3'" 1 
ATOM   33  C  "C2'" . DT  A 1 3 ? 6.086   4.088   -1.284  1.00 15.75 ? 3   DT  A "C2'" 1 
ATOM   34  C  "C1'" . DT  A 1 3 ? 4.657   4.635   -1.263  1.00 14.51 ? 3   DT  A "C1'" 1 
ATOM   35  N  N1    . DT  A 1 3 ? 3.636   3.773   -1.906  1.00 13.79 ? 3   DT  A N1    1 
ATOM   36  C  C2    . DT  A 1 3 ? 2.611   3.320   -1.102  1.00 12.87 ? 3   DT  A C2    1 
ATOM   37  O  O2    . DT  A 1 3 ? 2.560   3.479   0.087   1.00 13.54 ? 3   DT  A O2    1 
ATOM   38  N  N3    . DT  A 1 3 ? 1.580   2.666   -1.774  1.00 14.06 ? 3   DT  A N3    1 
ATOM   39  C  C4    . DT  A 1 3 ? 1.579   2.373   -3.120  1.00 15.23 ? 3   DT  A C4    1 
ATOM   40  O  O4    . DT  A 1 3 ? 0.553   1.816   -3.568  1.00 16.18 ? 3   DT  A O4    1 
ATOM   41  C  C5    . DT  A 1 3 ? 2.717   2.830   -3.880  1.00 16.76 ? 3   DT  A C5    1 
ATOM   42  C  C7    . DT  A 1 3 ? 2.826   2.511   -5.359  1.00 19.97 ? 3   DT  A C7    1 
ATOM   43  C  C6    . DT  A 1 3 ? 3.678   3.540   -3.271  1.00 14.83 ? 3   DT  A C6    1 
ATOM   44  P  P     . DA  A 1 4 ? 8.414   4.626   0.751   1.00 17.87 ? 4   DA  A P     1 
ATOM   45  O  OP1   . DA  A 1 4 ? 9.215   5.450   1.700   1.00 21.68 ? 4   DA  A OP1   1 
ATOM   46  O  OP2   . DA  A 1 4 ? 9.081   3.714   -0.168  1.00 24.64 ? 4   DA  A OP2   1 
ATOM   47  O  "O5'" . DA  A 1 4 ? 7.462   3.687   1.653   1.00 18.21 ? 4   DA  A "O5'" 1 
ATOM   48  C  "C5'" . DA  A 1 4 ? 6.671   4.319   2.698   1.00 15.69 ? 4   DA  A "C5'" 1 
ATOM   49  C  "C4'" . DA  A 1 4 ? 5.963   3.242   3.486   1.00 15.20 ? 4   DA  A "C4'" 1 
ATOM   50  O  "O4'" . DA  A 1 4 ? 4.902   2.738   2.654   1.00 16.72 ? 4   DA  A "O4'" 1 
ATOM   51  C  "C3'" . DA  A 1 4 ? 6.916   2.065   3.755   1.00 17.04 ? 4   DA  A "C3'" 1 
ATOM   52  O  "O3'" . DA  A 1 4 ? 6.730   1.813   5.163   1.00 19.07 ? 4   DA  A "O3'" 1 
ATOM   53  C  "C2'" . DA  A 1 4 ? 6.341   0.934   2.905   1.00 17.64 ? 4   DA  A "C2'" 1 
ATOM   54  C  "C1'" . DA  A 1 4 ? 4.884   1.304   2.732   1.00 16.23 ? 4   DA  A "C1'" 1 
ATOM   55  N  N9    . DA  A 1 4 ? 4.338   0.818   1.471   1.00 15.38 ? 4   DA  A N9    1 
ATOM   56  C  C8    . DA  A 1 4 ? 4.921   0.938   0.227   1.00 16.20 ? 4   DA  A C8    1 
ATOM   57  N  N7    . DA  A 1 4 ? 4.165   0.455   -0.752  1.00 15.96 ? 4   DA  A N7    1 
ATOM   58  C  C5    . DA  A 1 4 ? 3.004   0.042   -0.098  1.00 15.53 ? 4   DA  A C5    1 
ATOM   59  C  C6    . DA  A 1 4 ? 1.856   -0.638  -0.542  1.00 14.79 ? 4   DA  A C6    1 
ATOM   60  N  N6    . DA  A 1 4 ? 1.637   -0.914  -1.827  1.00 17.42 ? 4   DA  A N6    1 
ATOM   61  N  N1    . DA  A 1 4 ? 0.896   -0.935  0.397   1.00 15.37 ? 4   DA  A N1    1 
ATOM   62  C  C2    . DA  A 1 4 ? 1.063   -0.663  1.670   1.00 14.61 ? 4   DA  A C2    1 
ATOM   63  N  N3    . DA  A 1 4 ? 2.163   -0.064  2.185   1.00 14.85 ? 4   DA  A N3    1 
ATOM   64  C  C4    . DA  A 1 4 ? 3.093   0.251   1.277   1.00 13.88 ? 4   DA  A C4    1 
ATOM   65  P  P     . DC  A 1 5 ? 7.640   0.717   5.884   1.00 23.60 ? 5   DC  A P     1 
ATOM   66  O  OP1   . DC  A 1 5 ? 7.697   1.147   7.317   1.00 34.28 ? 5   DC  A OP1   1 
ATOM   67  O  OP2   . DC  A 1 5 ? 8.943   0.625   5.154   1.00 30.11 ? 5   DC  A OP2   1 
ATOM   68  O  "O5'" . DC  A 1 5 ? 6.866   -0.648  5.736   1.00 21.64 ? 5   DC  A "O5'" 1 
ATOM   69  C  "C5'" . DC  A 1 5 ? 5.560   -0.733  6.360   1.00 21.86 ? 5   DC  A "C5'" 1 
ATOM   70  C  "C4'" . DC  A 1 5 ? 4.965   -2.048  5.921   1.00 21.02 ? 5   DC  A "C4'" 1 
ATOM   71  O  "O4'" . DC  A 1 5 ? 4.657   -1.891  4.500   1.00 19.49 ? 5   DC  A "O4'" 1 
ATOM   72  C  "C3'" . DC  A 1 5 ? 5.959   -3.217  5.941   1.00 23.62 ? 5   DC  A "C3'" 1 
ATOM   73  O  "O3'" . DC  A 1 5 ? 5.466   -4.165  6.891   1.00 31.46 ? 5   DC  A "O3'" 1 
ATOM   74  C  "C2'" . DC  A 1 5 ? 5.887   -3.812  4.520   1.00 23.57 ? 5   DC  A "C2'" 1 
ATOM   75  C  "C1'" . DC  A 1 5 ? 4.605   -3.211  3.963   1.00 21.65 ? 5   DC  A "C1'" 1 
ATOM   76  N  N1    . DC  A 1 5 ? 4.618   -3.030  2.499   1.00 19.59 ? 5   DC  A N1    1 
ATOM   77  C  C2    . DC  A 1 5 ? 3.432   -3.380  1.834   1.00 19.32 ? 5   DC  A C2    1 
ATOM   78  O  O2    . DC  A 1 5 ? 2.453   -3.686  2.548   1.00 20.54 ? 5   DC  A O2    1 
ATOM   79  N  N3    . DC  A 1 5 ? 3.404   -3.409  0.501   1.00 18.80 ? 5   DC  A N3    1 
ATOM   80  C  C4    . DC  A 1 5 ? 4.452   -3.002  -0.195  1.00 18.16 ? 5   DC  A C4    1 
ATOM   81  N  N4    . DC  A 1 5 ? 4.355   -3.109  -1.525  1.00 18.82 ? 5   DC  A N4    1 
ATOM   82  C  C5    . DC  A 1 5 ? 5.669   -2.610  0.436   1.00 19.44 ? 5   DC  A C5    1 
ATOM   83  C  C6    . DC  A 1 5 ? 5.713   -2.615  1.789   1.00 19.61 ? 5   DC  A C6    1 
ATOM   84  P  P     . DG  A 1 6 ? 6.501   -5.258  7.448   1.00 33.51 ? 6   DG  A P     1 
ATOM   85  O  OP1   . DG  A 1 6 ? 6.080   -5.380  8.851   1.00 45.78 ? 6   DG  A OP1   1 
ATOM   86  O  OP2   . DG  A 1 6 ? 7.857   -4.939  6.941   1.00 35.24 ? 6   DG  A OP2   1 
ATOM   87  O  "O5'" . DG  A 1 6 ? 6.111   -6.555  6.635   1.00 29.13 ? 6   DG  A "O5'" 1 
ATOM   88  C  "C5'" . DG  A 1 6 ? 4.906   -7.291  7.021   1.00 26.54 ? 6   DG  A "C5'" 1 
ATOM   89  C  "C4'" . DG  A 1 6 ? 5.332   -8.731  6.983   1.00 21.10 ? 6   DG  A "C4'" 1 
ATOM   90  O  "O4'" . DG  A 1 6 ? 5.659   -9.178  5.668   1.00 22.00 ? 6   DG  A "O4'" 1 
ATOM   91  C  "C3'" . DG  A 1 6 ? 6.556   -9.096  7.859   1.00 20.24 ? 6   DG  A "C3'" 1 
ATOM   92  O  "O3'" . DG  A 1 6 ? 6.174   -9.234  9.234   1.00 21.78 ? 6   DG  A "O3'" 1 
ATOM   93  C  "C2'" . DG  A 1 6 ? 6.949   -10.411 7.217   1.00 19.02 ? 6   DG  A "C2'" 1 
ATOM   94  C  "C1'" . DG  A 1 6 ? 6.673   -10.170 5.747   1.00 21.28 ? 6   DG  A "C1'" 1 
ATOM   95  N  N9    . DG  A 1 6 ? 7.819   -9.698  4.955   1.00 21.04 ? 6   DG  A N9    1 
ATOM   96  C  C8    . DG  A 1 6 ? 8.975   -9.121  5.415   1.00 22.42 ? 6   DG  A C8    1 
ATOM   97  N  N7    . DG  A 1 6 ? 9.772   -8.704  4.446   1.00 22.68 ? 6   DG  A N7    1 
ATOM   98  C  C5    . DG  A 1 6 ? 9.074   -9.021  3.278   1.00 19.78 ? 6   DG  A C5    1 
ATOM   99  C  C6    . DG  A 1 6 ? 9.420   -8.789  1.909   1.00 19.22 ? 6   DG  A C6    1 
ATOM   100 O  O6    . DG  A 1 6 ? 10.451  -8.256  1.466   1.00 21.71 ? 6   DG  A O6    1 
ATOM   101 N  N1    . DG  A 1 6 ? 8.372   -9.184  1.085   1.00 17.37 ? 6   DG  A N1    1 
ATOM   102 C  C2    . DG  A 1 6 ? 7.194   -9.741  1.506   1.00 16.67 ? 6   DG  A C2    1 
ATOM   103 N  N2    . DG  A 1 6 ? 6.280   -10.090 0.570   1.00 17.88 ? 6   DG  A N2    1 
ATOM   104 N  N3    . DG  A 1 6 ? 6.875   -10.044 2.769   1.00 18.27 ? 6   DG  A N3    1 
ATOM   105 C  C4    . DG  A 1 6 ? 7.862   -9.599  3.594   1.00 18.58 ? 6   DG  A C4    1 
ATOM   106 O  "O5'" . DC  B 1 1 ? -8.307  -7.426  -5.354  1.00 50.59 ? 7   DC  B "O5'" 1 
ATOM   107 C  "C5'" . DC  B 1 1 ? -8.322  -7.892  -6.712  1.00 30.64 ? 7   DC  B "C5'" 1 
ATOM   108 C  "C4'" . DC  B 1 1 ? -7.423  -9.068  -6.940  1.00 25.63 ? 7   DC  B "C4'" 1 
ATOM   109 O  "O4'" . DC  B 1 1 ? -7.973  -10.035 -7.829  1.00 23.35 ? 7   DC  B "O4'" 1 
ATOM   110 C  "C3'" . DC  B 1 1 ? -6.075  -8.664  -7.544  1.00 23.45 ? 7   DC  B "C3'" 1 
ATOM   111 O  "O3'" . DC  B 1 1 ? -5.072  -9.636  -7.161  1.00 22.52 ? 7   DC  B "O3'" 1 
ATOM   112 C  "C2'" . DC  B 1 1 ? -6.387  -8.879  -9.043  1.00 22.88 ? 7   DC  B "C2'" 1 
ATOM   113 C  "C1'" . DC  B 1 1 ? -7.100  -10.224 -8.962  1.00 20.85 ? 7   DC  B "C1'" 1 
ATOM   114 N  N1    . DC  B 1 1 ? -8.051  -10.402 -10.074 1.00 19.87 ? 7   DC  B N1    1 
ATOM   115 C  C2    . DC  B 1 1 ? -8.095  -11.661 -10.661 1.00 17.78 ? 7   DC  B C2    1 
ATOM   116 O  O2    . DC  B 1 1 ? -7.298  -12.500 -10.249 1.00 19.45 ? 7   DC  B O2    1 
ATOM   117 N  N3    . DC  B 1 1 ? -9.001  -11.891 -11.606 1.00 19.10 ? 7   DC  B N3    1 
ATOM   118 C  C4    . DC  B 1 1 ? -9.832  -10.913 -12.002 1.00 22.01 ? 7   DC  B C4    1 
ATOM   119 N  N4    . DC  B 1 1 ? -10.679 -11.260 -12.952 1.00 23.21 ? 7   DC  B N4    1 
ATOM   120 C  C5    . DC  B 1 1 ? -9.750  -9.582  -11.490 1.00 25.16 ? 7   DC  B C5    1 
ATOM   121 C  C6    . DC  B 1 1 ? -8.903  -9.410  -10.465 1.00 23.20 ? 7   DC  B C6    1 
ATOM   122 P  P     . DG  B 1 2 ? -3.682  -9.193  -6.533  1.00 24.30 ? 8   DG  B P     1 
ATOM   123 O  OP1   . DG  B 1 2 ? -3.137  -8.103  -7.371  1.00 25.33 ? 8   DG  B OP1   1 
ATOM   124 O  OP2   . DG  B 1 2 ? -2.833  -10.418 -6.327  1.00 26.12 ? 8   DG  B OP2   1 
ATOM   125 O  "O5'" . DG  B 1 2 ? -4.001  -8.609  -5.104  1.00 26.66 ? 8   DG  B "O5'" 1 
ATOM   126 C  "C5'" . DG  B 1 2 ? -4.742  -9.429  -4.152  1.00 24.00 ? 8   DG  B "C5'" 1 
ATOM   127 C  "C4'" . DG  B 1 2 ? -4.505  -8.826  -2.791  1.00 24.70 ? 8   DG  B "C4'" 1 
ATOM   128 O  "O4'" . DG  B 1 2 ? -3.047  -8.780  -2.651  1.00 26.24 ? 8   DG  B "O4'" 1 
ATOM   129 C  "C3'" . DG  B 1 2 ? -4.898  -7.360  -2.583  1.00 25.75 ? 8   DG  B "C3'" 1 
ATOM   130 O  "O3'" . DG  B 1 2 ? -6.289  -7.416  -2.286  1.00 26.64 ? 8   DG  B "O3'" 1 
ATOM   131 C  "C2'" . DG  B 1 2 ? -3.950  -6.967  -1.456  1.00 24.17 ? 8   DG  B "C2'" 1 
ATOM   132 C  "C1'" . DG  B 1 2 ? -2.704  -7.807  -1.717  1.00 22.88 ? 8   DG  B "C1'" 1 
ATOM   133 N  N9    . DG  B 1 2 ? -1.624  -7.002  -2.273  1.00 23.49 ? 8   DG  B N9    1 
ATOM   134 C  C8    . DG  B 1 2 ? -1.212  -6.938  -3.596  1.00 23.39 ? 8   DG  B C8    1 
ATOM   135 N  N7    . DG  B 1 2 ? -0.260  -6.068  -3.744  1.00 25.61 ? 8   DG  B N7    1 
ATOM   136 C  C5    . DG  B 1 2 ? 0.052   -5.608  -2.462  1.00 20.87 ? 8   DG  B C5    1 
ATOM   137 C  C6    . DG  B 1 2 ? 1.080   -4.759  -2.000  1.00 18.51 ? 8   DG  B C6    1 
ATOM   138 O  O6    . DG  B 1 2 ? 2.016   -4.315  -2.656  1.00 19.79 ? 8   DG  B O6    1 
ATOM   139 N  N1    . DG  B 1 2 ? 1.006   -4.575  -0.626  1.00 17.43 ? 8   DG  B N1    1 
ATOM   140 C  C2    . DG  B 1 2 ? 0.053   -5.094  0.180   1.00 17.52 ? 8   DG  B C2    1 
ATOM   141 N  N2    . DG  B 1 2 ? 0.045   -4.807  1.501   1.00 17.52 ? 8   DG  B N2    1 
ATOM   142 N  N3    . DG  B 1 2 ? -0.978  -5.847  -0.281  1.00 20.54 ? 8   DG  B N3    1 
ATOM   143 C  C4    . DG  B 1 2 ? -0.802  -6.168  -1.548  1.00 22.55 ? 8   DG  B C4    1 
ATOM   144 P  P     . DT  B 1 3 ? -7.141  -6.050  -2.089  1.00 28.97 ? 9   DT  B P     1 
ATOM   145 O  OP1   . DT  B 1 3 ? -8.514  -6.543  -1.919  1.00 33.79 ? 9   DT  B OP1   1 
ATOM   146 O  OP2   . DT  B 1 3 ? -6.812  -5.045  -3.119  1.00 33.30 ? 9   DT  B OP2   1 
ATOM   147 O  "O5'" . DT  B 1 3 ? -6.645  -5.423  -0.732  1.00 25.73 ? 9   DT  B "O5'" 1 
ATOM   148 C  "C5'" . DT  B 1 3 ? -6.825  -6.083  0.529   1.00 24.85 ? 9   DT  B "C5'" 1 
ATOM   149 C  "C4'" . DT  B 1 3 ? -6.239  -5.144  1.578   1.00 21.91 ? 9   DT  B "C4'" 1 
ATOM   150 O  "O4'" . DT  B 1 3 ? -4.857  -4.829  1.225   1.00 19.92 ? 9   DT  B "O4'" 1 
ATOM   151 C  "C3'" . DT  B 1 3 ? -6.941  -3.787  1.684   1.00 20.77 ? 9   DT  B "C3'" 1 
ATOM   152 O  "O3'" . DT  B 1 3 ? -7.040  -3.569  3.114   1.00 22.82 ? 9   DT  B "O3'" 1 
ATOM   153 C  "C2'" . DT  B 1 3 ? -6.019  -2.809  0.971   1.00 20.51 ? 9   DT  B "C2'" 1 
ATOM   154 C  "C1'" . DT  B 1 3 ? -4.646  -3.423  1.294   1.00 18.36 ? 9   DT  B "C1'" 1 
ATOM   155 N  N1    . DT  B 1 3 ? -3.631  -3.085  0.287   1.00 17.84 ? 9   DT  B N1    1 
ATOM   156 C  C2    . DT  B 1 3 ? -2.459  -2.474  0.692   1.00 17.18 ? 9   DT  B C2    1 
ATOM   157 O  O2    . DT  B 1 3 ? -2.217  -2.170  1.853   1.00 15.82 ? 9   DT  B O2    1 
ATOM   158 N  N3    . DT  B 1 3 ? -1.564  -2.243  -0.316  1.00 16.44 ? 9   DT  B N3    1 
ATOM   159 C  C4    . DT  B 1 3 ? -1.767  -2.512  -1.652  1.00 18.46 ? 9   DT  B C4    1 
ATOM   160 O  O4    . DT  B 1 3 ? -0.829  -2.312  -2.466  1.00 18.91 ? 9   DT  B O4    1 
ATOM   161 C  C5    . DT  B 1 3 ? -3.020  -3.167  -2.027  1.00 20.03 ? 9   DT  B C5    1 
ATOM   162 C  C7    . DT  B 1 3 ? -3.331  -3.499  -3.424  1.00 25.90 ? 9   DT  B C7    1 
ATOM   163 C  C6    . DT  B 1 3 ? -3.879  -3.422  -1.028  1.00 20.43 ? 9   DT  B C6    1 
ATOM   164 P  P     . DA  B 1 4 ? -7.698  -2.206  3.670   1.00 26.89 ? 10  DA  B P     1 
ATOM   165 O  OP1   . DA  B 1 4 ? -8.294  -2.560  5.003   1.00 29.23 ? 10  DA  B OP1   1 
ATOM   166 O  OP2   . DA  B 1 4 ? -8.454  -1.434  2.647   1.00 28.65 ? 10  DA  B OP2   1 
ATOM   167 O  "O5'" . DA  B 1 4 ? -6.414  -1.314  4.001   1.00 24.88 ? 10  DA  B "O5'" 1 
ATOM   168 C  "C5'" . DA  B 1 4 ? -5.525  -1.762  5.060   1.00 22.19 ? 10  DA  B "C5'" 1 
ATOM   169 C  "C4'" . DA  B 1 4 ? -4.621  -0.586  5.380   1.00 18.97 ? 10  DA  B "C4'" 1 
ATOM   170 O  "O4'" . DA  B 1 4 ? -3.669  -0.372  4.339   1.00 18.58 ? 10  DA  B "O4'" 1 
ATOM   171 C  "C3'" . DA  B 1 4 ? -5.359  0.739   5.555   1.00 20.21 ? 10  DA  B "C3'" 1 
ATOM   172 O  "O3'" . DA  B 1 4 ? -4.789  1.370   6.725   1.00 20.65 ? 10  DA  B "O3'" 1 
ATOM   173 C  "C2'" . DA  B 1 4 ? -5.071  1.532   4.286   1.00 18.65 ? 10  DA  B "C2'" 1 
ATOM   174 C  "C1'" . DA  B 1 4 ? -3.693  1.001   3.890   1.00 16.47 ? 10  DA  B "C1'" 1 
ATOM   175 N  N9    . DA  B 1 4 ? -3.476  0.904   2.438   1.00 15.59 ? 10  DA  B N9    1 
ATOM   176 C  C8    . DA  B 1 4 ? -4.346  0.305   1.542   1.00 16.05 ? 10  DA  B C8    1 
ATOM   177 N  N7    . DA  B 1 4 ? -3.878  0.397   0.322   1.00 16.35 ? 10  DA  B N7    1 
ATOM   178 C  C5    . DA  B 1 4 ? -2.628  0.998   0.410   1.00 13.44 ? 10  DA  B C5    1 
ATOM   179 C  C6    . DA  B 1 4 ? -1.648  1.291   -0.519  1.00 13.61 ? 10  DA  B C6    1 
ATOM   180 N  N6    . DA  B 1 4 ? -1.731  1.053   -1.833  1.00 14.86 ? 10  DA  B N6    1 
ATOM   181 N  N1    . DA  B 1 4 ? -0.570  1.995   -0.075  1.00 13.17 ? 10  DA  B N1    1 
ATOM   182 C  C2    . DA  B 1 4 ? -0.463  2.279   1.218   1.00 12.87 ? 10  DA  B C2    1 
ATOM   183 N  N3    . DA  B 1 4 ? -1.315  2.006   2.218   1.00 13.77 ? 10  DA  B N3    1 
ATOM   184 C  C4    . DA  B 1 4 ? -2.402  1.357   1.724   1.00 13.87 ? 10  DA  B C4    1 
ATOM   185 P  P     . DC  B 1 5 ? -5.438  2.648   7.335   1.00 24.05 ? 11  DC  B P     1 
ATOM   186 O  OP1   . DC  B 1 5 ? -5.003  2.717   8.759   1.00 31.77 ? 11  DC  B OP1   1 
ATOM   187 O  OP2   . DC  B 1 5 ? -6.880  2.712   6.976   1.00 27.18 ? 11  DC  B OP2   1 
ATOM   188 O  "O5'" . DC  B 1 5 ? -4.821  3.871   6.527   1.00 19.05 ? 11  DC  B "O5'" 1 
ATOM   189 C  "C5'" . DC  B 1 5 ? -3.444  4.207   6.676   1.00 17.88 ? 11  DC  B "C5'" 1 
ATOM   190 C  "C4'" . DC  B 1 5 ? -3.134  5.307   5.709   1.00 13.14 ? 11  DC  B "C4'" 1 
ATOM   191 O  "O4'" . DC  B 1 5 ? -3.066  4.733   4.374   1.00 12.50 ? 11  DC  B "O4'" 1 
ATOM   192 C  "C3'" . DC  B 1 5 ? -4.162  6.441   5.638   1.00 11.98 ? 11  DC  B "C3'" 1 
ATOM   193 O  "O3'" . DC  B 1 5 ? -3.408  7.671   5.816   1.00 11.92 ? 11  DC  B "O3'" 1 
ATOM   194 C  "C2'" . DC  B 1 5 ? -4.703  6.369   4.205   1.00 12.27 ? 11  DC  B "C2'" 1 
ATOM   195 C  "C1'" . DC  B 1 5 ? -3.571  5.723   3.471   1.00 11.87 ? 11  DC  B "C1'" 1 
ATOM   196 N  N1    . DC  B 1 5 ? -3.772  5.125   2.201   1.00 11.16 ? 11  DC  B N1    1 
ATOM   197 C  C2    . DC  B 1 5 ? -2.748  5.199   1.235   1.00 11.75 ? 11  DC  B C2    1 
ATOM   198 O  O2    . DC  B 1 5 ? -1.698  5.806   1.496   1.00 11.27 ? 11  DC  B O2    1 
ATOM   199 N  N3    . DC  B 1 5 ? -2.953  4.624   0.025   1.00 11.91 ? 11  DC  B N3    1 
ATOM   200 C  C4    . DC  B 1 5 ? -4.051  3.926   -0.230  1.00 11.99 ? 11  DC  B C4    1 
ATOM   201 N  N4    . DC  B 1 5 ? -4.164  3.415   -1.475  1.00 12.98 ? 11  DC  B N4    1 
ATOM   202 C  C5    . DC  B 1 5 ? -5.071  3.743   0.739   1.00 12.61 ? 11  DC  B C5    1 
ATOM   203 C  C6    . DC  B 1 5 ? -4.868  4.359   1.932   1.00 12.11 ? 11  DC  B C6    1 
ATOM   204 P  P     . DG  B 1 6 ? -4.135  9.016   6.251   1.00 11.99 ? 12  DG  B P     1 
ATOM   205 O  OP1   . DG  B 1 6 ? -3.048  9.858   6.871   1.00 14.30 ? 12  DG  B OP1   1 
ATOM   206 O  OP2   . DG  B 1 6 ? -5.349  8.722   7.062   1.00 12.78 ? 12  DG  B OP2   1 
ATOM   207 O  "O5'" . DG  B 1 6 ? -4.623  9.662   4.898   1.00 11.34 ? 12  DG  B "O5'" 1 
ATOM   208 C  "C5'" . DG  B 1 6 ? -3.678  9.924   3.842   1.00 11.96 ? 12  DG  B "C5'" 1 
ATOM   209 C  "C4'" . DG  B 1 6 ? -4.397  10.709  2.772   1.00 12.07 ? 12  DG  B "C4'" 1 
ATOM   210 O  "O4'" . DG  B 1 6 ? -5.583  10.020  2.341   1.00 11.91 ? 12  DG  B "O4'" 1 
ATOM   211 C  "C3'" . DG  B 1 6 ? -4.853  12.119  3.212   1.00 11.95 ? 12  DG  B "C3'" 1 
ATOM   212 O  "O3'" . DG  B 1 6 ? -3.884  13.070  2.788   1.00 13.60 ? 12  DG  B "O3'" 1 
ATOM   213 C  "C2'" . DG  B 1 6 ? -6.189  12.251  2.531   1.00 12.75 ? 12  DG  B "C2'" 1 
ATOM   214 C  "C1'" . DG  B 1 6 ? -6.714  10.815  2.570   1.00 11.89 ? 12  DG  B "C1'" 1 
ATOM   215 N  N9    . DG  B 1 6 ? -7.331  10.472  3.846   1.00 11.91 ? 12  DG  B N9    1 
ATOM   216 C  C8    . DG  B 1 6 ? -7.445  11.242  4.980   1.00 12.82 ? 12  DG  B C8    1 
ATOM   217 N  N7    . DG  B 1 6 ? -7.901  10.585  5.997   1.00 12.32 ? 12  DG  B N7    1 
ATOM   218 C  C5    . DG  B 1 6 ? -8.087  9.298   5.545   1.00 11.80 ? 12  DG  B C5    1 
ATOM   219 C  C6    . DG  B 1 6 ? -8.445  8.097   6.206   1.00 15.19 ? 12  DG  B C6    1 
ATOM   220 O  O6    . DG  B 1 6 ? -8.743  7.872   7.377   1.00 17.13 ? 12  DG  B O6    1 
ATOM   221 N  N1    . DG  B 1 6 ? -8.458  6.989   5.346   1.00 14.17 ? 12  DG  B N1    1 
ATOM   222 C  C2    . DG  B 1 6 ? -8.160  7.013   4.027   1.00 12.72 ? 12  DG  B C2    1 
ATOM   223 N  N2    . DG  B 1 6 ? -8.242  5.892   3.334   1.00 13.84 ? 12  DG  B N2    1 
ATOM   224 N  N3    . DG  B 1 6 ? -7.786  8.131   3.396   1.00 12.55 ? 12  DG  B N3    1 
ATOM   225 C  C4    . DG  B 1 6 ? -7.728  9.225   4.211   1.00 11.55 ? 12  DG  B C4    1 
HETATM 226 CO CO    . CO  C 2 . ? -1.229  4.022   -7.005  1.00 31.15 ? 21  CO  A CO    1 
HETATM 227 C  C1A   . B9A D 3 . ? 6.948   -5.311  -3.011  1.00 33.88 ? 13  B9A A C1A   1 
HETATM 228 C  C2A   . B9A D 3 . ? 5.906   -5.617  -3.881  1.00 41.38 ? 13  B9A A C2A   1 
HETATM 229 C  C3A   . B9A D 3 . ? 4.723   -6.225  -3.482  1.00 30.78 ? 13  B9A A C3A   1 
HETATM 230 C  C4A   . B9A D 3 . ? 4.465   -6.511  -2.136  1.00 33.77 ? 13  B9A A C4A   1 
HETATM 231 C  C5A   . B9A D 3 . ? 5.916   -6.758  2.270   1.00 30.80 ? 13  B9A A C5A   1 
HETATM 232 C  C6A   . B9A D 3 . ? 6.940   -6.536  3.176   1.00 26.26 ? 13  B9A A C6A   1 
HETATM 233 C  C7A   . B9A D 3 . ? 8.152   -5.971  2.813   1.00 29.50 ? 13  B9A A C7A   1 
HETATM 234 C  C8A   . B9A D 3 . ? 8.436   -5.437  1.577   1.00 26.50 ? 13  B9A A C8A   1 
HETATM 235 C  C9A   . B9A D 3 . ? 7.703   -5.386  -0.736  1.00 29.07 ? 13  B9A A C9A   1 
HETATM 236 N  N9A   . B9A D 3 . ? 8.965   -4.653  -1.128  1.00 39.97 ? 13  B9A A N9A   1 
HETATM 237 N  NAA   . B9A D 3 . ? 5.257   -6.615  0.066   1.00 31.29 ? 13  B9A A NAA   1 
HETATM 238 C  CBA   . B9A D 3 . ? 6.230   -6.370  0.961   1.00 22.93 ? 13  B9A A CBA   1 
HETATM 239 C  CCA   . B9A D 3 . ? 7.446   -5.709  0.611   1.00 22.25 ? 13  B9A A CCA   1 
HETATM 240 C  CDA   . B9A D 3 . ? 6.737   -5.717  -1.689  1.00 26.83 ? 13  B9A A CDA   1 
HETATM 241 C  CEA   . B9A D 3 . ? 5.538   -6.327  -1.253  1.00 25.03 ? 13  B9A A CEA   1 
HETATM 242 C  C15   . B9A D 3 . ? 9.420   -3.825  0.105   1.00 44.56 ? 13  B9A A C15   1 
HETATM 243 CO CO    . CO  E 2 . ? -8.102  11.599  7.908   0.50 13.40 ? 22  CO  B CO    1 
HETATM 244 MG MG    . MG  F 4 . ? -1.539  -11.828 -5.473  0.50 35.83 ? 23  MG  B MG    1 
HETATM 245 O  O     . HOH G 5 . ? 10.090  -8.959  8.637   1.00 26.14 ? 103 HOH A O     1 
HETATM 246 O  O     . HOH G 5 . ? 9.447   6.068   4.253   1.00 17.20 ? 105 HOH A O     1 
HETATM 247 O  O     . HOH G 5 . ? 1.833   0.607   4.882   1.00 15.55 ? 106 HOH A O     1 
HETATM 248 O  O     . HOH G 5 . ? 6.636   -2.000  -2.936  1.00 26.69 ? 108 HOH A O     1 
HETATM 249 O  O     . HOH G 5 . ? -1.441  7.988   -6.270  1.00 26.37 ? 109 HOH A O     1 
HETATM 250 O  O     . HOH G 5 . ? 5.213   0.338   -3.385  1.00 29.25 ? 110 HOH A O     1 
HETATM 251 O  O     . HOH G 5 . ? 8.671   -1.886  3.290   1.00 32.12 ? 118 HOH A O     1 
HETATM 252 O  O     . HOH G 5 . ? 6.395   3.870   -5.621  1.00 39.15 ? 119 HOH A O     1 
HETATM 253 O  O     . HOH G 5 . ? 2.981   -1.050  -4.567  1.00 41.58 ? 122 HOH A O     1 
HETATM 254 O  O     . HOH G 5 . ? 11.084  3.734   3.063   1.00 41.94 ? 124 HOH A O     1 
HETATM 255 O  O     . HOH G 5 . ? 3.301   11.795  -13.502 1.00 46.01 ? 126 HOH A O     1 
HETATM 256 O  O     . HOH G 5 . ? 10.489  1.385   3.680   1.00 32.27 ? 127 HOH A O     1 
HETATM 257 O  O     . HOH G 5 . ? 9.336   -5.264  -5.974  1.00 42.27 ? 128 HOH A O     1 
HETATM 258 O  O     . HOH G 5 . ? 10.667  7.109   -2.566  1.00 45.84 ? 130 HOH A O     1 
HETATM 259 O  O     . HOH G 5 . ? 13.183  -9.542  1.721   1.00 42.42 ? 132 HOH A O     1 
HETATM 260 O  O     . HOH G 5 . ? -5.773  1.650   -9.967  0.50 52.37 ? 134 HOH A O     1 
HETATM 261 O  O     . HOH G 5 . ? 0.443   10.246  -5.590  1.00 31.33 ? 135 HOH A O     1 
HETATM 262 O  O     . HOH G 5 . ? 10.801  8.769   -4.931  1.00 40.55 ? 136 HOH A O     1 
HETATM 263 O  O     . HOH G 5 . ? 5.120   4.254   -8.339  1.00 45.37 ? 138 HOH A O     1 
HETATM 264 O  O     . HOH G 5 . ? 1.033   0.935   -8.172  1.00 46.73 ? 141 HOH A O     1 
HETATM 265 O  O     . HOH G 5 . ? 9.182   2.964   -2.842  1.00 32.15 ? 143 HOH A O     1 
HETATM 266 O  O     . HOH G 5 . ? 9.762   -3.930  5.157   1.00 41.31 ? 144 HOH A O     1 
HETATM 267 O  O     . HOH G 5 . ? 9.164   -1.601  -5.901  1.00 55.23 ? 145 HOH A O     1 
HETATM 268 O  O     . HOH G 5 . ? 8.220   1.119   -0.390  1.00 31.51 ? 146 HOH A O     1 
HETATM 269 O  O     . HOH G 5 . ? 9.508   -2.763  8.157   1.00 44.20 ? 152 HOH A O     1 
HETATM 270 O  O     . HOH G 5 . ? 4.509   8.587   -11.821 1.00 47.41 ? 153 HOH A O     1 
HETATM 271 O  O     . HOH G 5 . ? 9.244   -0.874  1.373   1.00 41.43 ? 155 HOH A O     1 
HETATM 272 O  O     . HOH G 5 . ? -1.861  4.188   -10.824 1.00 47.99 ? 157 HOH A O     1 
HETATM 273 O  O     . HOH G 5 . ? 2.903   -9.137  -0.575  1.00 42.21 ? 160 HOH A O     1 
HETATM 274 O  O     . HOH G 5 . ? 12.469  -6.985  5.539   1.00 50.19 ? 161 HOH A O     1 
HETATM 275 O  O     . HOH G 5 . ? 9.484   2.114   9.066   1.00 51.15 ? 162 HOH A O     1 
HETATM 276 O  O     . HOH G 5 . ? 7.391   -7.210  10.518  1.00 48.42 ? 165 HOH A O     1 
HETATM 277 O  O     . HOH G 5 . ? 10.670  -6.086  7.554   1.00 49.99 ? 169 HOH A O     1 
HETATM 278 O  O     . HOH G 5 . ? -1.449  5.682   -8.094  1.00 26.87 ? 174 HOH A O     1 
HETATM 279 O  O     . HOH G 5 . ? -2.892  4.514   -5.943  1.00 29.96 ? 175 HOH A O     1 
HETATM 280 O  O     . HOH G 5 . ? 0.315   3.510   -8.160  1.00 33.74 ? 176 HOH A O     1 
HETATM 281 O  O     . HOH G 5 . ? -1.066  2.318   -5.925  1.00 36.11 ? 177 HOH A O     1 
HETATM 282 O  O     . HOH G 5 . ? -2.406  3.061   -8.315  1.00 35.39 ? 178 HOH A O     1 
HETATM 283 O  O     . HOH H 5 . ? -3.944  13.655  0.126   1.00 14.00 ? 101 HOH B O     1 
HETATM 284 O  O     . HOH H 5 . ? -8.459  8.494   9.563   0.50 14.71 ? 102 HOH B O     1 
HETATM 285 O  O     . HOH H 5 . ? -11.700 9.302   6.782   1.00 21.11 ? 104 HOH B O     1 
HETATM 286 O  O     . HOH H 5 . ? -8.897  15.687  6.802   1.00 21.41 ? 107 HOH B O     1 
HETATM 287 O  O     . HOH H 5 . ? -6.612  -2.480  -2.787  1.00 25.57 ? 111 HOH B O     1 
HETATM 288 O  O     . HOH H 5 . ? -8.188  18.093  7.269   1.00 31.51 ? 112 HOH B O     1 
HETATM 289 O  O     . HOH H 5 . ? -6.215  6.790   8.926   1.00 27.56 ? 113 HOH B O     1 
HETATM 290 O  O     . HOH H 5 . ? -0.669  -1.929  -5.227  1.00 33.12 ? 114 HOH B O     1 
HETATM 291 O  O     . HOH H 5 . ? -2.404  16.055  0.397   1.00 29.13 ? 115 HOH B O     1 
HETATM 292 O  O     . HOH H 5 . ? -12.553 -8.913  -13.651 1.00 36.65 ? 116 HOH B O     1 
HETATM 293 O  O     . HOH H 5 . ? -4.623  -0.434  -2.301  1.00 33.27 ? 117 HOH B O     1 
HETATM 294 O  O     . HOH H 5 . ? 2.636   -3.317  -5.123  1.00 51.50 ? 120 HOH B O     1 
HETATM 295 O  O     . HOH H 5 . ? -0.955  8.808   7.567   1.00 26.68 ? 123 HOH B O     1 
HETATM 296 O  O     . HOH H 5 . ? -10.305 -10.982 -7.172  1.00 44.37 ? 125 HOH B O     1 
HETATM 297 O  O     . HOH H 5 . ? -2.750  8.740   8.986   1.00 46.02 ? 129 HOH B O     1 
HETATM 298 O  O     . HOH H 5 . ? -9.225  0.591   6.645   1.00 38.06 ? 131 HOH B O     1 
HETATM 299 O  O     . HOH H 5 . ? -8.868  4.212   6.459   1.00 32.21 ? 133 HOH B O     1 
HETATM 300 O  O     . HOH H 5 . ? -8.448  3.129   4.554   1.00 30.70 ? 137 HOH B O     1 
HETATM 301 O  O     . HOH H 5 . ? -9.797  -3.766  -5.950  1.00 50.31 ? 139 HOH B O     1 
HETATM 302 O  O     . HOH H 5 . ? -10.464 -5.331  -0.237  1.00 53.11 ? 140 HOH B O     1 
HETATM 303 O  O     . HOH H 5 . ? -6.769  -0.662  -5.206  1.00 38.13 ? 142 HOH B O     1 
HETATM 304 O  O     . HOH H 5 . ? 0.382   -5.039  -6.330  1.00 52.58 ? 147 HOH B O     1 
HETATM 305 O  O     . HOH H 5 . ? -11.842 6.456   6.951   1.00 35.83 ? 148 HOH B O     1 
HETATM 306 O  O     . HOH H 5 . ? -7.489  16.942  5.059   0.50 41.38 ? 149 HOH B O     1 
HETATM 307 O  O     . HOH H 5 . ? -9.813  6.845   9.705   0.50 23.45 ? 150 HOH B O     1 
HETATM 308 O  O     . HOH H 5 . ? -4.458  -4.817  -6.736  1.00 51.69 ? 151 HOH B O     1 
HETATM 309 O  O     . HOH H 5 . ? -8.472  -0.937  -1.066  1.00 47.69 ? 154 HOH B O     1 
HETATM 310 O  O     . HOH H 5 . ? -3.662  14.371  4.899   1.00 45.34 ? 156 HOH B O     1 
HETATM 311 O  O     . HOH H 5 . ? -8.098  -10.440 -4.283  0.50 58.26 ? 158 HOH B O     1 
HETATM 312 O  O     . HOH H 5 . ? -6.443  -5.298  -5.706  1.00 51.58 ? 163 HOH B O     1 
HETATM 313 O  O     . HOH H 5 . ? -10.526 -2.113  1.085   1.00 57.91 ? 164 HOH B O     1 
HETATM 314 O  O     . HOH H 5 . ? -8.343  -1.470  7.545   1.00 50.05 ? 166 HOH B O     1 
HETATM 315 O  O     . HOH H 5 . ? -9.338  12.962  6.918   1.00 15.98 ? 170 HOH B O     1 
HETATM 316 O  O     . HOH H 5 . ? -9.753  10.528  8.372   1.00 16.76 ? 171 HOH B O     1 
HETATM 317 O  O     . HOH H 5 . ? -0.109  -11.215 -6.794  0.50 22.00 ? 172 HOH B O     1 
HETATM 318 O  O     . HOH H 5 . ? -2.101  -13.454 -6.586  1.00 39.13 ? 173 HOH B O     1 
# 
loop_
_atom_site_anisotrop.id 
_atom_site_anisotrop.type_symbol 
_atom_site_anisotrop.pdbx_label_atom_id 
_atom_site_anisotrop.pdbx_label_alt_id 
_atom_site_anisotrop.pdbx_label_comp_id 
_atom_site_anisotrop.pdbx_label_asym_id 
_atom_site_anisotrop.pdbx_label_seq_id 
_atom_site_anisotrop.pdbx_PDB_ins_code 
_atom_site_anisotrop.U[1][1] 
_atom_site_anisotrop.U[2][2] 
_atom_site_anisotrop.U[3][3] 
_atom_site_anisotrop.U[1][2] 
_atom_site_anisotrop.U[1][3] 
_atom_site_anisotrop.U[2][3] 
_atom_site_anisotrop.pdbx_auth_seq_id 
_atom_site_anisotrop.pdbx_auth_comp_id 
_atom_site_anisotrop.pdbx_auth_asym_id 
_atom_site_anisotrop.pdbx_auth_atom_id 
1   O  "O3'" . DC  A 1 ? 0.8006 0.9448 0.1934 0.0448  0.1063  0.0718  1   DC  A "O3'" 
2   P  P     . DG  A 2 ? 0.4883 0.4450 0.2141 0.0929  0.0017  -0.0275 2   DG  A P     
3   O  OP1   . DG  A 2 ? 0.6981 0.4732 0.4616 0.2155  -0.0163 -0.1950 2   DG  A OP1   
4   O  OP2   . DG  A 2 ? 0.4982 0.4575 0.3370 0.1263  -0.0522 -0.0864 2   DG  A OP2   
5   O  "O5'" . DG  A 2 ? 0.4681 0.3761 0.1926 0.0340  0.0077  0.0492  2   DG  A "O5'" 
6   C  "C5'" . DG  A 2 ? 0.3776 0.3541 0.2586 -0.0059 -0.0175 0.0791  2   DG  A "C5'" 
7   C  "C4'" . DG  A 2 ? 0.3326 0.2780 0.2262 0.0475  0.0285  0.0581  2   DG  A "C4'" 
8   O  "O4'" . DG  A 2 ? 0.3105 0.2144 0.2656 0.0160  0.0210  0.0360  2   DG  A "O4'" 
9   C  "C3'" . DG  A 2 ? 0.3093 0.2647 0.2694 0.0285  0.0196  0.0339  2   DG  A "C3'" 
10  O  "O3'" . DG  A 2 ? 0.3851 0.3041 0.2536 0.0064  -0.0376 0.0748  2   DG  A "O3'" 
11  C  "C2'" . DG  A 2 ? 0.3459 0.2502 0.1769 0.0510  0.0114  0.0133  2   DG  A "C2'" 
12  C  "C1'" . DG  A 2 ? 0.2968 0.2173 0.1647 0.0160  -0.0181 0.0006  2   DG  A "C1'" 
13  N  N9    . DG  A 2 ? 0.3341 0.2094 0.1210 -0.0104 -0.0300 -0.0010 2   DG  A N9    
14  C  C8    . DG  A 2 ? 0.3576 0.2487 0.1350 -0.0183 -0.0337 -0.0075 2   DG  A C8    
15  N  N7    . DG  A 2 ? 0.3059 0.2339 0.1461 0.0142  -0.0300 -0.0325 2   DG  A N7    
16  C  C5    . DG  A 2 ? 0.2514 0.1842 0.1444 0.0525  -0.0433 -0.0255 2   DG  A C5    
17  C  C6    . DG  A 2 ? 0.2634 0.1222 0.1364 0.0308  -0.0580 -0.0198 2   DG  A C6    
18  O  O6    . DG  A 2 ? 0.2657 0.1252 0.1735 0.0314  -0.0735 -0.0289 2   DG  A O6    
19  N  N1    . DG  A 2 ? 0.2293 0.1038 0.1373 0.0377  -0.0549 -0.0087 2   DG  A N1    
20  C  C2    . DG  A 2 ? 0.2168 0.1032 0.1348 0.0370  -0.0346 -0.0189 2   DG  A C2    
21  N  N2    . DG  A 2 ? 0.2292 0.1214 0.1350 0.0210  -0.0323 -0.0151 2   DG  A N2    
22  N  N3    . DG  A 2 ? 0.2320 0.1378 0.1321 0.0385  -0.0257 -0.0174 2   DG  A N3    
23  C  C4    . DG  A 2 ? 0.2387 0.1844 0.1348 0.0519  -0.0348 -0.0177 2   DG  A C4    
24  P  P     . DT  A 3 ? 0.3235 0.3800 0.2802 -0.0174 0.0071  0.0644  3   DT  A P     
25  O  OP1   . DT  A 3 ? 0.3532 0.4621 0.5859 -0.1268 0.0471  0.0813  3   DT  A OP1   
26  O  OP2   . DT  A 3 ? 0.3139 0.6417 0.2843 0.0481  0.0374  -0.0122 3   DT  A OP2   
27  O  "O5'" . DT  A 3 ? 0.2917 0.2780 0.2486 0.0503  -0.0177 0.0356  3   DT  A "O5'" 
28  C  "C5'" . DT  A 3 ? 0.2795 0.2095 0.2849 -0.0038 0.0058  0.0177  3   DT  A "C5'" 
29  C  "C4'" . DT  A 3 ? 0.2484 0.1726 0.2484 0.0107  -0.0217 -0.0091 3   DT  A "C4'" 
30  O  "O4'" . DT  A 3 ? 0.2501 0.1674 0.2033 0.0201  -0.0290 -0.0062 3   DT  A "O4'" 
31  C  "C3'" . DT  A 3 ? 0.2267 0.1839 0.2175 0.0144  -0.0164 -0.0380 3   DT  A "C3'" 
32  O  "O3'" . DT  A 3 ? 0.2287 0.1982 0.2078 -0.0053 -0.0096 -0.0251 3   DT  A "O3'" 
33  C  "C2'" . DT  A 3 ? 0.2124 0.1687 0.2174 0.0346  -0.0179 -0.0404 3   DT  A "C2'" 
34  C  "C1'" . DT  A 3 ? 0.2128 0.1531 0.1854 0.0367  -0.0351 -0.0236 3   DT  A "C1'" 
35  N  N1    . DT  A 3 ? 0.2199 0.1454 0.1587 0.0406  -0.0210 -0.0357 3   DT  A N1    
36  C  C2    . DT  A 3 ? 0.2015 0.1152 0.1723 0.0555  -0.0244 -0.0387 3   DT  A C2    
37  O  O2    . DT  A 3 ? 0.2309 0.1208 0.1629 0.0233  -0.0155 -0.0389 3   DT  A O2    
38  N  N3    . DT  A 3 ? 0.2456 0.1160 0.1727 0.0342  -0.0485 -0.0306 3   DT  A N3    
39  C  C4    . DT  A 3 ? 0.2539 0.1503 0.1745 0.0358  -0.0528 -0.0376 3   DT  A C4    
40  O  O4    . DT  A 3 ? 0.2896 0.1526 0.1726 0.0090  -0.0616 -0.0165 3   DT  A O4    
41  C  C5    . DT  A 3 ? 0.2436 0.2157 0.1776 0.0403  -0.0402 -0.0581 3   DT  A C5    
42  C  C7    . DT  A 3 ? 0.3096 0.2816 0.1674 0.0306  -0.0427 -0.0518 3   DT  A C7    
43  C  C6    . DT  A 3 ? 0.2396 0.1691 0.1549 0.0489  -0.0317 -0.0256 3   DT  A C6    
44  P  P     . DA  A 4 ? 0.2188 0.2420 0.2182 0.0285  -0.0258 -0.0656 4   DA  A P     
45  O  OP1   . DA  A 4 ? 0.2571 0.2551 0.3117 0.0065  -0.0605 -0.0660 4   DA  A OP1   
46  O  OP2   . DA  A 4 ? 0.2272 0.4354 0.2734 0.1057  -0.0102 -0.1287 4   DA  A OP2   
47  O  "O5'" . DA  A 4 ? 0.3028 0.1827 0.2064 0.0306  -0.0157 -0.0357 4   DA  A "O5'" 
48  C  "C5'" . DA  A 4 ? 0.2553 0.1489 0.1920 0.0037  -0.0313 -0.0394 4   DA  A "C5'" 
49  C  "C4'" . DA  A 4 ? 0.2125 0.1487 0.2165 0.0095  -0.0570 -0.0310 4   DA  A "C4'" 
50  O  "O4'" . DA  A 4 ? 0.2506 0.1171 0.2677 0.0222  -0.0983 -0.0325 4   DA  A "O4'" 
51  C  "C3'" . DA  A 4 ? 0.2366 0.1544 0.2566 0.0128  -0.0800 -0.0165 4   DA  A "C3'" 
52  O  "O3'" . DA  A 4 ? 0.3109 0.1663 0.2474 -0.0098 -0.1058 -0.0143 4   DA  A "O3'" 
53  C  "C2'" . DA  A 4 ? 0.2541 0.1614 0.2549 0.0505  -0.0827 -0.0405 4   DA  A "C2'" 
54  C  "C1'" . DA  A 4 ? 0.2568 0.1176 0.2422 0.0467  -0.1048 -0.0319 4   DA  A "C1'" 
55  N  N9    . DA  A 4 ? 0.2467 0.1187 0.2189 0.0238  -0.0559 -0.0344 4   DA  A N9    
56  C  C8    . DA  A 4 ? 0.2453 0.1376 0.2324 0.0493  -0.0521 -0.0115 4   DA  A C8    
57  N  N7    . DA  A 4 ? 0.2713 0.1146 0.2205 0.0384  -0.0495 -0.0163 4   DA  A N7    
58  C  C5    . DA  A 4 ? 0.2554 0.1141 0.2206 0.0403  -0.0570 -0.0435 4   DA  A C5    
59  C  C6    . DA  A 4 ? 0.2592 0.0916 0.2112 0.0477  -0.0778 -0.0315 4   DA  A C6    
60  N  N6    . DA  A 4 ? 0.3152 0.1324 0.2145 0.0541  -0.0925 -0.0410 4   DA  A N6    
61  N  N1    . DA  A 4 ? 0.2579 0.1047 0.2215 0.0234  -0.0871 -0.0335 4   DA  A N1    
62  C  C2    . DA  A 4 ? 0.2471 0.0960 0.2121 0.0241  -0.0814 -0.0214 4   DA  A C2    
63  N  N3    . DA  A 4 ? 0.2322 0.1201 0.2119 0.0297  -0.0781 -0.0349 4   DA  A N3    
64  C  C4    . DA  A 4 ? 0.2310 0.0868 0.2096 0.0485  -0.0736 -0.0228 4   DA  A C4    
65  P  P     . DC  A 5 ? 0.3889 0.2170 0.2907 0.0070  -0.1694 -0.0062 5   DC  A P     
66  O  OP1   . DC  A 5 ? 0.7689 0.2231 0.3104 0.0557  -0.2692 -0.0367 5   DC  A OP1   
67  O  OP2   . DC  A 5 ? 0.2944 0.3776 0.4721 0.0327  -0.1995 0.0842  5   DC  A OP2   
68  O  "O5'" . DC  A 5 ? 0.3539 0.1675 0.3007 0.0613  -0.1439 -0.0126 5   DC  A "O5'" 
69  C  "C5'" . DC  A 5 ? 0.3705 0.1717 0.2885 0.0454  -0.1305 -0.0160 5   DC  A "C5'" 
70  C  "C4'" . DC  A 5 ? 0.3576 0.1747 0.2663 0.0583  -0.1488 -0.0148 5   DC  A "C4'" 
71  O  "O4'" . DC  A 5 ? 0.3234 0.1800 0.2374 0.0762  -0.0928 -0.0205 5   DC  A "O4'" 
72  C  "C3'" . DC  A 5 ? 0.4475 0.1602 0.2899 0.0796  -0.1431 0.0132  5   DC  A "C3'" 
73  O  "O3'" . DC  A 5 ? 0.7079 0.1908 0.2965 0.0647  -0.1079 0.0344  5   DC  A "O3'" 
74  C  "C2'" . DC  A 5 ? 0.3936 0.2090 0.2931 0.1075  -0.1053 -0.0031 5   DC  A "C2'" 
75  C  "C1'" . DC  A 5 ? 0.3682 0.1838 0.2706 0.0771  -0.1077 -0.0344 5   DC  A "C1'" 
76  N  N1    . DC  A 5 ? 0.3093 0.1600 0.2752 0.0721  -0.0978 -0.0439 5   DC  A N1    
77  C  C2    . DC  A 5 ? 0.3229 0.1449 0.2662 0.0486  -0.0992 -0.0117 5   DC  A C2    
78  O  O2    . DC  A 5 ? 0.3375 0.1863 0.2567 0.0166  -0.0952 -0.0181 5   DC  A O2    
79  N  N3    . DC  A 5 ? 0.3349 0.1203 0.2593 0.0152  -0.0822 -0.0219 5   DC  A N3    
80  C  C4    . DC  A 5 ? 0.3029 0.1021 0.2850 0.0442  -0.0794 -0.0351 5   DC  A C4    
81  N  N4    . DC  A 5 ? 0.2913 0.1489 0.2748 0.0580  -0.0566 -0.0534 5   DC  A N4    
82  C  C5    . DC  A 5 ? 0.2875 0.1531 0.2978 0.0747  -0.0821 -0.0533 5   DC  A C5    
83  C  C6    . DC  A 5 ? 0.2922 0.1557 0.2973 0.0992  -0.0925 -0.0354 5   DC  A C6    
84  P  P     . DG  A 6 ? 0.7664 0.2196 0.2872 0.0608  -0.1659 0.0671  6   DG  A P     
85  O  OP1   . DG  A 6 ? 1.1105 0.3417 0.2872 0.2171  -0.0986 0.0549  6   DG  A OP1   
86  O  OP2   . DG  A 6 ? 0.6955 0.1981 0.4454 0.0300  -0.2648 0.0993  6   DG  A OP2   
87  O  "O5'" . DG  A 6 ? 0.5856 0.1944 0.3268 0.0616  -0.0450 0.0554  6   DG  A "O5'" 
88  C  "C5'" . DG  A 6 ? 0.5228 0.2316 0.2540 0.1200  -0.0131 0.0567  6   DG  A "C5'" 
89  C  "C4'" . DG  A 6 ? 0.4128 0.2154 0.1734 0.0688  -0.0445 0.0287  6   DG  A "C4'" 
90  O  "O4'" . DG  A 6 ? 0.4228 0.2548 0.1585 0.0785  -0.0663 0.0348  6   DG  A "O4'" 
91  C  "C3'" . DG  A 6 ? 0.4210 0.1779 0.1700 0.0450  -0.0628 0.0105  6   DG  A "C3'" 
92  O  "O3'" . DG  A 6 ? 0.4852 0.1752 0.1672 0.0525  -0.0576 0.0188  6   DG  A "O3'" 
93  C  "C2'" . DG  A 6 ? 0.3968 0.1596 0.1664 0.0306  -0.0757 0.0123  6   DG  A "C2'" 
94  C  "C1'" . DG  A 6 ? 0.4481 0.2066 0.1538 0.0716  -0.0323 0.0321  6   DG  A "C1'" 
95  N  N9    . DG  A 6 ? 0.4254 0.2040 0.1701 0.0510  -0.0545 0.0297  6   DG  A N9    
96  C  C8    . DG  A 6 ? 0.4577 0.2077 0.1865 0.0434  -0.0858 0.0283  6   DG  A C8    
97  N  N7    . DG  A 6 ? 0.4117 0.2383 0.2116 0.0358  -0.1006 0.0427  6   DG  A N7    
98  C  C5    . DG  A 6 ? 0.3797 0.1898 0.1822 0.0415  -0.0544 0.0053  6   DG  A C5    
99  C  C6    . DG  A 6 ? 0.3393 0.1902 0.2008 0.0392  -0.0491 0.0383  6   DG  A C6    
100 O  O6    . DG  A 6 ? 0.3367 0.2340 0.2544 0.0215  -0.0485 0.0557  6   DG  A O6    
101 N  N1    . DG  A 6 ? 0.2831 0.2035 0.1732 0.0908  -0.0224 0.0042  6   DG  A N1    
102 C  C2    . DG  A 6 ? 0.3063 0.1770 0.1502 0.0768  -0.0184 0.0002  6   DG  A C2    
103 N  N2    . DG  A 6 ? 0.3261 0.1991 0.1539 0.0471  -0.0247 0.0140  6   DG  A N2    
104 N  N3    . DG  A 6 ? 0.3547 0.1853 0.1543 0.0564  -0.0211 0.0134  6   DG  A N3    
105 C  C4    . DG  A 6 ? 0.3679 0.1742 0.1638 0.0659  -0.0433 0.0234  6   DG  A C4    
106 O  "O5'" . DC  B 1 ? 0.8056 0.6144 0.5021 0.3439  0.0447  -0.1467 7   DC  B "O5'" 
107 C  "C5'" . DC  B 1 ? 0.3439 0.2878 0.5325 -0.0056 -0.0488 -0.1464 7   DC  B "C5'" 
108 C  "C4'" . DC  B 1 ? 0.4153 0.2026 0.3558 -0.0247 0.0031  -0.0457 7   DC  B "C4'" 
109 O  "O4'" . DC  B 1 ? 0.3935 0.2344 0.2594 -0.0171 0.0077  -0.0228 7   DC  B "O4'" 
110 C  "C3'" . DC  B 1 ? 0.4075 0.1779 0.3056 -0.0058 0.0007  -0.0684 7   DC  B "C3'" 
111 O  "O3'" . DC  B 1 ? 0.3851 0.1642 0.3064 -0.0678 -0.0564 -0.0266 7   DC  B "O3'" 
112 C  "C2'" . DC  B 1 ? 0.3798 0.1733 0.3163 -0.0517 -0.0487 -0.0136 7   DC  B "C2'" 
113 C  "C1'" . DC  B 1 ? 0.2698 0.2083 0.3140 -0.0569 0.0025  -0.0222 7   DC  B "C1'" 
114 N  N1    . DC  B 1 ? 0.2898 0.1967 0.2683 -0.0370 0.0158  -0.0207 7   DC  B N1    
115 C  C2    . DC  B 1 ? 0.2284 0.2099 0.2373 -0.0418 0.0612  -0.0283 7   DC  B C2    
116 O  O2    . DC  B 1 ? 0.3098 0.2055 0.2238 -0.0294 -0.0005 -0.0501 7   DC  B O2    
117 N  N3    . DC  B 1 ? 0.2605 0.2136 0.2517 -0.0239 0.0329  -0.0237 7   DC  B N3    
118 C  C4    . DC  B 1 ? 0.2967 0.1992 0.3403 -0.0304 -0.0132 -0.0170 7   DC  B C4    
119 N  N4    . DC  B 1 ? 0.3265 0.2027 0.3526 -0.0145 -0.0377 -0.0124 7   DC  B N4    
120 C  C5    . DC  B 1 ? 0.3366 0.1925 0.4268 -0.0318 -0.0722 -0.0132 7   DC  B C5    
121 C  C6    . DC  B 1 ? 0.3280 0.2062 0.3475 -0.0252 -0.0268 -0.0219 7   DC  B C6    
122 P  P     . DG  B 2 ? 0.4115 0.2195 0.2922 -0.0933 -0.0410 -0.0012 8   DG  B P     
123 O  OP1   . DG  B 2 ? 0.4178 0.2380 0.3066 -0.1321 -0.0681 0.0069  8   DG  B OP1   
124 O  OP2   . DG  B 2 ? 0.4014 0.3335 0.2574 -0.0280 -0.0341 0.0821  8   DG  B OP2   
125 O  "O5'" . DG  B 2 ? 0.4793 0.2545 0.2790 -0.1233 -0.0697 -0.0109 8   DG  B "O5'" 
126 C  "C5'" . DG  B 2 ? 0.4881 0.1716 0.2522 -0.0434 -0.0541 -0.0114 8   DG  B "C5'" 
127 C  "C4'" . DG  B 2 ? 0.4988 0.1770 0.2626 -0.0509 -0.0971 0.0001  8   DG  B "C4'" 
128 O  "O4'" . DG  B 2 ? 0.5008 0.1827 0.3135 -0.0480 -0.0813 -0.0404 8   DG  B "O4'" 
129 C  "C3'" . DG  B 2 ? 0.4902 0.1986 0.2897 -0.0447 -0.1254 -0.0456 8   DG  B "C3'" 
130 O  "O3'" . DG  B 2 ? 0.4487 0.1440 0.4196 -0.0439 -0.2184 -0.0242 8   DG  B "O3'" 
131 C  "C2'" . DG  B 2 ? 0.3844 0.2242 0.3099 -0.0077 -0.1182 -0.0477 8   DG  B "C2'" 
132 C  "C1'" . DG  B 2 ? 0.4301 0.1828 0.2564 -0.0206 -0.0359 -0.0440 8   DG  B "C1'" 
133 N  N9    . DG  B 2 ? 0.4397 0.2163 0.2364 -0.0523 -0.0547 -0.0493 8   DG  B N9    
134 C  C8    . DG  B 2 ? 0.4272 0.2269 0.2344 -0.0450 -0.0621 -0.0382 8   DG  B C8    
135 N  N7    . DG  B 2 ? 0.5322 0.2198 0.2209 -0.0916 -0.0444 -0.0480 8   DG  B N7    
136 C  C5    . DG  B 2 ? 0.4358 0.1329 0.2244 -0.0113 -0.0485 -0.0427 8   DG  B C5    
137 C  C6    . DG  B 2 ? 0.3252 0.1515 0.2267 0.0567  -0.0577 -0.0420 8   DG  B C6    
138 O  O6    . DG  B 2 ? 0.3577 0.1694 0.2248 0.0363  -0.0469 -0.0370 8   DG  B O6    
139 N  N1    . DG  B 2 ? 0.3201 0.1242 0.2180 0.0385  -0.0679 -0.0158 8   DG  B N1    
140 C  C2    . DG  B 2 ? 0.3161 0.1151 0.2343 0.0291  -0.0580 -0.0378 8   DG  B C2    
141 N  N2    . DG  B 2 ? 0.2899 0.1566 0.2192 0.0402  -0.0791 -0.0299 8   DG  B N2    
142 N  N3    . DG  B 2 ? 0.3800 0.1811 0.2195 -0.0402 -0.0749 -0.0231 8   DG  B N3    
143 C  C4    . DG  B 2 ? 0.4232 0.2142 0.2196 -0.0314 -0.0669 -0.0283 8   DG  B C4    
144 P  P     . DT  B 3 ? 0.4745 0.1707 0.4556 -0.0088 -0.2436 -0.0158 9   DT  B P     
145 O  OP1   . DT  B 3 ? 0.4471 0.2070 0.6297 -0.0069 -0.2784 -0.0713 9   DT  B OP1   
146 O  OP2   . DT  B 3 ? 0.6882 0.1488 0.4281 -0.0162 -0.2581 -0.0252 9   DT  B OP2   
147 O  "O5'" . DT  B 3 ? 0.4152 0.1408 0.4217 -0.0329 -0.1652 -0.0130 9   DT  B "O5'" 
148 C  "C5'" . DT  B 3 ? 0.3664 0.1449 0.4330 -0.0529 -0.1492 -0.0066 9   DT  B "C5'" 
149 C  "C4'" . DT  B 3 ? 0.2828 0.1414 0.4083 -0.0231 -0.0983 -0.0210 9   DT  B "C4'" 
150 O  "O4'" . DT  B 3 ? 0.2798 0.1374 0.3398 -0.0097 -0.1047 -0.0098 9   DT  B "O4'" 
151 C  "C3'" . DT  B 3 ? 0.2556 0.1503 0.3834 -0.0215 -0.1068 0.0002  9   DT  B "C3'" 
152 O  "O3'" . DT  B 3 ? 0.3143 0.1699 0.3830 -0.0200 -0.0817 -0.0152 9   DT  B "O3'" 
153 C  "C2'" . DT  B 3 ? 0.2556 0.1412 0.3825 -0.0103 -0.0904 -0.0157 9   DT  B "C2'" 
154 C  "C1'" . DT  B 3 ? 0.2596 0.1320 0.3061 0.0005  -0.0676 -0.0276 9   DT  B "C1'" 
155 N  N1    . DT  B 3 ? 0.2660 0.1514 0.2605 -0.0034 -0.0910 -0.0121 9   DT  B N1    
156 C  C2    . DT  B 3 ? 0.2815 0.1068 0.2646 -0.0144 -0.0637 -0.0375 9   DT  B C2    
157 O  O2    . DT  B 3 ? 0.2527 0.0978 0.2505 -0.0047 -0.0697 -0.0114 9   DT  B O2    
158 N  N3    . DT  B 3 ? 0.2694 0.1182 0.2371 0.0072  -0.0854 -0.0148 9   DT  B N3    
159 C  C4    . DT  B 3 ? 0.3073 0.1438 0.2502 -0.0038 -0.0911 -0.0380 9   DT  B C4    
160 O  O4    . DT  B 3 ? 0.3240 0.1540 0.2404 -0.0071 -0.0824 -0.0591 9   DT  B O4    
161 C  C5    . DT  B 3 ? 0.3159 0.1890 0.2563 -0.0115 -0.0943 -0.0526 9   DT  B C5    
162 C  C7    . DT  B 3 ? 0.4416 0.2692 0.2732 -0.0907 -0.0984 -0.0911 9   DT  B C7    
163 C  C6    . DT  B 3 ? 0.2699 0.2196 0.2868 0.0114  -0.0911 -0.0492 9   DT  B C6    
164 P  P     . DA  B 4 ? 0.3577 0.2190 0.4452 0.0162  -0.0718 -0.0421 10  DA  B P     
165 O  OP1   . DA  B 4 ? 0.3938 0.2753 0.4416 -0.0523 -0.0451 -0.1005 10  DA  B OP1   
166 O  OP2   . DA  B 4 ? 0.2588 0.2512 0.5785 0.0228  -0.0590 0.0275  10  DA  B OP2   
167 O  "O5'" . DA  B 4 ? 0.4117 0.1434 0.3900 -0.0007 -0.1021 -0.0025 10  DA  B "O5'" 
168 C  "C5'" . DA  B 4 ? 0.3873 0.1469 0.3090 -0.0398 -0.0478 0.0381  10  DA  B "C5'" 
169 C  "C4'" . DA  B 4 ? 0.3520 0.1082 0.2607 -0.0127 -0.0159 0.0380  10  DA  B "C4'" 
170 O  "O4'" . DA  B 4 ? 0.3313 0.1168 0.2578 0.0351  -0.0177 0.0432  10  DA  B "O4'" 
171 C  "C3'" . DA  B 4 ? 0.3532 0.1477 0.2668 0.0068  0.0315  0.0301  10  DA  B "C3'" 
172 O  "O3'" . DA  B 4 ? 0.4021 0.1173 0.2653 0.0100  0.0186  0.0333  10  DA  B "O3'" 
173 C  "C2'" . DA  B 4 ? 0.2970 0.1414 0.2700 0.0373  -0.0051 0.0592  10  DA  B "C2'" 
174 C  "C1'" . DA  B 4 ? 0.2768 0.1227 0.2261 0.0030  -0.0284 0.0363  10  DA  B "C1'" 
175 N  N9    . DA  B 4 ? 0.2618 0.0988 0.2319 -0.0168 -0.0398 0.0136  10  DA  B N9    
176 C  C8    . DA  B 4 ? 0.2576 0.1071 0.2449 -0.0074 -0.0692 0.0380  10  DA  B C8    
177 N  N7    . DA  B 4 ? 0.2610 0.1144 0.2458 -0.0146 -0.0769 0.0150  10  DA  B N7    
178 C  C5    . DA  B 4 ? 0.2288 0.0787 0.2034 0.0198  -0.0779 0.0158  10  DA  B C5    
179 C  C6    . DA  B 4 ? 0.2477 0.0825 0.1869 0.0166  -0.0688 -0.0072 10  DA  B C6    
180 N  N6    . DA  B 4 ? 0.2559 0.1167 0.1922 0.0103  -0.0760 -0.0110 10  DA  B N6    
181 N  N1    . DA  B 4 ? 0.2231 0.0996 0.1775 0.0223  -0.0642 -0.0022 10  DA  B N1    
182 C  C2    . DA  B 4 ? 0.2180 0.1016 0.1695 0.0269  -0.0523 0.0029  10  DA  B C2    
183 N  N3    . DA  B 4 ? 0.2289 0.1099 0.1842 0.0088  -0.0446 -0.0082 10  DA  B N3    
184 C  C4    . DA  B 4 ? 0.2364 0.0888 0.2016 0.0139  -0.0546 0.0120  10  DA  B C4    
185 P  P     . DC  B 5 ? 0.4868 0.1443 0.2829 0.0111  0.1293  0.0292  11  DC  B P     
186 O  OP1   . DC  B 5 ? 0.7610 0.1974 0.2488 0.0117  0.1335  0.0401  11  DC  B OP1   
187 O  OP2   . DC  B 5 ? 0.4251 0.1676 0.4400 0.0059  0.2205  0.0342  11  DC  B OP2   
188 O  "O5'" . DC  B 5 ? 0.3629 0.1180 0.2428 0.0183  0.0666  0.0174  11  DC  B "O5'" 
189 C  "C5'" . DC  B 5 ? 0.3473 0.1671 0.1648 0.0498  0.0131  0.0439  11  DC  B "C5'" 
190 C  "C4'" . DC  B 5 ? 0.2564 0.1142 0.1287 0.0344  -0.0185 0.0044  11  DC  B "C4'" 
191 O  "O4'" . DC  B 5 ? 0.2237 0.1077 0.1436 0.0351  -0.0272 0.0023  11  DC  B "O4'" 
192 C  "C3'" . DC  B 5 ? 0.1883 0.1142 0.1527 0.0028  -0.0277 -0.0136 11  DC  B "C3'" 
193 O  "O3'" . DC  B 5 ? 0.2089 0.1107 0.1332 0.0140  -0.0275 -0.0084 11  DC  B "O3'" 
194 C  "C2'" . DC  B 5 ? 0.1897 0.1132 0.1633 0.0165  -0.0304 -0.0137 11  DC  B "C2'" 
195 C  "C1'" . DC  B 5 ? 0.1961 0.1079 0.1468 0.0244  -0.0364 -0.0016 11  DC  B "C1'" 
196 N  N1    . DC  B 5 ? 0.1678 0.0985 0.1577 0.0168  -0.0460 -0.0056 11  DC  B N1    
197 C  C2    . DC  B 5 ? 0.2071 0.0964 0.1428 0.0041  -0.0421 -0.0040 11  DC  B C2    
198 O  O2    . DC  B 5 ? 0.1838 0.1180 0.1265 0.0066  -0.0320 -0.0107 11  DC  B O2    
199 N  N3    . DC  B 5 ? 0.2044 0.1030 0.1449 0.0209  -0.0597 -0.0102 11  DC  B N3    
200 C  C4    . DC  B 5 ? 0.2006 0.0995 0.1556 0.0317  -0.0790 0.0038  11  DC  B C4    
201 N  N4    . DC  B 5 ? 0.2275 0.1147 0.1507 0.0260  -0.0716 -0.0131 11  DC  B N4    
202 C  C5    . DC  B 5 ? 0.2117 0.0880 0.1796 0.0190  -0.0479 -0.0184 11  DC  B C5    
203 C  C6    . DC  B 5 ? 0.1813 0.0949 0.1840 0.0206  -0.0570 -0.0022 11  DC  B C6    
204 P  P     . DG  B 6 ? 0.2083 0.1125 0.1349 0.0071  -0.0234 -0.0060 12  DG  B P     
205 O  OP1   . DG  B 6 ? 0.2441 0.1425 0.1569 -0.0156 -0.0320 -0.0313 12  DG  B OP1   
206 O  OP2   . DG  B 6 ? 0.2252 0.1317 0.1289 0.0068  -0.0049 -0.0032 12  DG  B OP2   
207 O  "O5'" . DG  B 6 ? 0.1913 0.1060 0.1336 0.0074  -0.0150 -0.0015 12  DG  B "O5'" 
208 C  "C5'" . DG  B 6 ? 0.1975 0.1152 0.1416 0.0300  0.0052  -0.0018 12  DG  B "C5'" 
209 C  "C4'" . DG  B 6 ? 0.2129 0.1024 0.1435 0.0047  -0.0142 -0.0010 12  DG  B "C4'" 
210 O  "O4'" . DG  B 6 ? 0.1994 0.1089 0.1445 0.0084  -0.0050 -0.0158 12  DG  B "O4'" 
211 C  "C3'" . DG  B 6 ? 0.2249 0.1013 0.1277 0.0104  -0.0144 0.0016  12  DG  B "C3'" 
212 O  "O3'" . DG  B 6 ? 0.2606 0.1154 0.1409 -0.0127 -0.0189 0.0064  12  DG  B "O3'" 
213 C  "C2'" . DG  B 6 ? 0.2280 0.1237 0.1329 0.0263  -0.0129 -0.0021 12  DG  B "C2'" 
214 C  "C1'" . DG  B 6 ? 0.2140 0.1173 0.1204 0.0280  -0.0216 -0.0127 12  DG  B "C1'" 
215 N  N9    . DG  B 6 ? 0.2034 0.1261 0.1229 0.0278  -0.0160 -0.0158 12  DG  B N9    
216 C  C8    . DG  B 6 ? 0.2103 0.1545 0.1222 0.0241  -0.0183 -0.0157 12  DG  B C8    
217 N  N7    . DG  B 6 ? 0.1788 0.1741 0.1152 0.0078  -0.0013 -0.0306 12  DG  B N7    
218 C  C5    . DG  B 6 ? 0.1623 0.1671 0.1191 0.0005  -0.0216 -0.0199 12  DG  B C5    
219 C  C6    . DG  B 6 ? 0.2368 0.2082 0.1321 -0.0600 -0.0176 -0.0066 12  DG  B C6    
220 O  O6    . DG  B 6 ? 0.2394 0.2685 0.1430 -0.0738 0.0070  0.0023  12  DG  B O6    
221 N  N1    . DG  B 6 ? 0.2045 0.1729 0.1611 -0.0267 -0.0211 0.0011  12  DG  B N1    
222 C  C2    . DG  B 6 ? 0.1859 0.1405 0.1568 0.0262  -0.0261 -0.0058 12  DG  B C2    
223 N  N2    . DG  B 6 ? 0.2113 0.1314 0.1831 0.0220  -0.0654 -0.0088 12  DG  B N2    
224 N  N3    . DG  B 6 ? 0.2098 0.1279 0.1392 0.0272  -0.0183 -0.0203 12  DG  B N3    
225 C  C4    . DG  B 6 ? 0.1739 0.1428 0.1223 0.0219  -0.0077 -0.0166 12  DG  B C4    
226 CO CO    . CO  C . ? 0.5160 0.4139 0.2537 0.0243  -0.0950 -0.0487 21  CO  A CO    
243 CO CO    . CO  E . ? 0.1985 0.1788 0.1319 -0.0007 -0.0010 -0.0347 22  CO  B CO    
278 O  O     . HOH G . ? 0.3394 0.4180 0.2637 0.0656  -0.0711 0.0494  174 HOH A O     
279 O  O     . HOH G . ? 0.4428 0.5175 0.1777 0.0871  -0.0381 -0.0973 175 HOH A O     
280 O  O     . HOH G . ? 0.5944 0.4488 0.2388 0.0582  -0.0056 -0.1433 176 HOH A O     
281 O  O     . HOH G . ? 0.7663 0.3282 0.2775 -0.0427 -0.2220 -0.0194 177 HOH A O     
282 O  O     . HOH G . ? 0.6738 0.4236 0.2474 0.2058  -0.0495 -0.0356 178 HOH A O     
315 O  O     . HOH H . ? 0.2348 0.2248 0.1475 0.0115  0.0236  -0.0233 170 HOH B O     
316 O  O     . HOH H . ? 0.2081 0.2531 0.1756 -0.0440 0.0117  -0.0596 171 HOH B O     
# 
